data_5LFW
# 
_entry.id   5LFW 
# 
_audit_conform.dict_name       mmcif_pdbx.dic 
_audit_conform.dict_version    5.391 
_audit_conform.dict_location   http://mmcif.pdb.org/dictionaries/ascii/mmcif_pdbx.dic 
# 
loop_
_database_2.database_id 
_database_2.database_code 
_database_2.pdbx_database_accession 
_database_2.pdbx_DOI 
PDB   5LFW         pdb_00005lfw 10.2210/pdb5lfw/pdb 
WWPDB D_1200000669 ?            ?                   
# 
loop_
_pdbx_audit_revision_history.ordinal 
_pdbx_audit_revision_history.data_content_type 
_pdbx_audit_revision_history.major_revision 
_pdbx_audit_revision_history.minor_revision 
_pdbx_audit_revision_history.revision_date 
1 'Structure model' 1 0 2017-02-15 
2 'Structure model' 1 1 2017-04-19 
3 'Structure model' 1 2 2017-08-30 
4 'Structure model' 2 0 2024-05-08 
# 
_pdbx_audit_revision_details.ordinal             1 
_pdbx_audit_revision_details.revision_ordinal    1 
_pdbx_audit_revision_details.data_content_type   'Structure model' 
_pdbx_audit_revision_details.provider            repository 
_pdbx_audit_revision_details.type                'Initial release' 
_pdbx_audit_revision_details.description         ? 
_pdbx_audit_revision_details.details             ? 
# 
loop_
_pdbx_audit_revision_group.ordinal 
_pdbx_audit_revision_group.revision_ordinal 
_pdbx_audit_revision_group.data_content_type 
_pdbx_audit_revision_group.group 
1 2 'Structure model' 'Database references'        
2 3 'Structure model' 'Author supporting evidence' 
3 4 'Structure model' 'Atomic model'               
4 4 'Structure model' 'Data collection'            
5 4 'Structure model' 'Database references'        
6 4 'Structure model' 'Derived calculations'       
# 
loop_
_pdbx_audit_revision_category.ordinal 
_pdbx_audit_revision_category.revision_ordinal 
_pdbx_audit_revision_category.data_content_type 
_pdbx_audit_revision_category.category 
1 3 'Structure model' pdbx_audit_support 
2 4 'Structure model' atom_site          
3 4 'Structure model' chem_comp_atom     
4 4 'Structure model' chem_comp_bond     
5 4 'Structure model' database_2         
6 4 'Structure model' struct_conn        
7 4 'Structure model' struct_conn_type   
# 
loop_
_pdbx_audit_revision_item.ordinal 
_pdbx_audit_revision_item.revision_ordinal 
_pdbx_audit_revision_item.data_content_type 
_pdbx_audit_revision_item.item 
1  3 'Structure model' '_pdbx_audit_support.funding_organization' 
2  4 'Structure model' '_atom_site.occupancy'                     
3  4 'Structure model' '_database_2.pdbx_DOI'                     
4  4 'Structure model' '_database_2.pdbx_database_accession'      
5  4 'Structure model' '_struct_conn.conn_type_id'                
6  4 'Structure model' '_struct_conn.id'                          
7  4 'Structure model' '_struct_conn.pdbx_dist_value'             
8  4 'Structure model' '_struct_conn.pdbx_leaving_atom_flag'      
9  4 'Structure model' '_struct_conn.ptnr1_auth_asym_id'          
10 4 'Structure model' '_struct_conn.ptnr1_auth_comp_id'          
11 4 'Structure model' '_struct_conn.ptnr1_label_asym_id'         
12 4 'Structure model' '_struct_conn.ptnr1_label_atom_id'         
13 4 'Structure model' '_struct_conn.ptnr1_label_comp_id'         
14 4 'Structure model' '_struct_conn.ptnr2_auth_asym_id'          
15 4 'Structure model' '_struct_conn.ptnr2_auth_comp_id'          
16 4 'Structure model' '_struct_conn.ptnr2_auth_seq_id'           
17 4 'Structure model' '_struct_conn.ptnr2_label_asym_id'         
18 4 'Structure model' '_struct_conn.ptnr2_label_atom_id'         
19 4 'Structure model' '_struct_conn.ptnr2_label_comp_id'         
20 4 'Structure model' '_struct_conn.ptnr2_label_seq_id'          
21 4 'Structure model' '_struct_conn_type.id'                     
# 
_pdbx_database_status.status_code                     REL 
_pdbx_database_status.status_code_sf                  REL 
_pdbx_database_status.status_code_mr                  ? 
_pdbx_database_status.entry_id                        5LFW 
_pdbx_database_status.recvd_initial_deposition_date   2016-07-04 
_pdbx_database_status.SG_entry                        N 
_pdbx_database_status.deposit_site                    PDBE 
_pdbx_database_status.process_site                    PDBE 
_pdbx_database_status.status_code_cs                  ? 
_pdbx_database_status.methods_development_category    ? 
_pdbx_database_status.pdb_format_compatible           Y 
_pdbx_database_status.status_code_nmr_data            ? 
# 
loop_
_audit_author.name 
_audit_author.pdbx_ordinal 
'Hall, J.P.'   1 
'Cardin, C.J.' 2 
# 
_citation.abstract                  ? 
_citation.abstract_id_CAS           ? 
_citation.book_id_ISBN              ? 
_citation.book_publisher            ? 
_citation.book_publisher_city       ? 
_citation.book_title                ? 
_citation.coordinate_linkage        ? 
_citation.country                   GE 
_citation.database_id_Medline       ? 
_citation.details                   ? 
_citation.id                        primary 
_citation.journal_abbrev            Chemistry 
_citation.journal_id_ASTM           ? 
_citation.journal_id_CSD            ? 
_citation.journal_id_ISSN           1521-3765 
_citation.journal_full              ? 
_citation.journal_issue             ? 
_citation.journal_volume            23 
_citation.language                  ? 
_citation.page_first                4981 
_citation.page_last                 4985 
_citation.title                     
'Guanine Can Direct Binding Specificity of Ru-dipyridophenazine (dppz) Complexes to DNA through Steric Effects.' 
_citation.year                      2017 
_citation.database_id_CSD           ? 
_citation.pdbx_database_id_DOI      10.1002/chem.201605508 
_citation.pdbx_database_id_PubMed   28105682 
_citation.unpublished_flag          ? 
# 
loop_
_citation_author.citation_id 
_citation_author.name 
_citation_author.ordinal 
_citation_author.identifier_ORCID 
primary 'Hall, J.P.'    1  ? 
primary 'Gurung, S.P.'  2  ? 
primary 'Henle, J.'     3  ? 
primary 'Poidl, P.'     4  ? 
primary 'Andersson, J.' 5  ? 
primary 'Lincoln, P.'   6  ? 
primary 'Winter, G.'    7  ? 
primary 'Sorensen, T.'  8  ? 
primary 'Cardin, D.J.'  9  ? 
primary 'Brazier, J.A.' 10 ? 
primary 'Cardin, C.J.'  11 ? 
# 
loop_
_entity.id 
_entity.type 
_entity.src_method 
_entity.pdbx_description 
_entity.formula_weight 
_entity.pdbx_number_of_molecules 
_entity.pdbx_ec 
_entity.pdbx_mutation 
_entity.pdbx_fragment 
_entity.details 
1 polymer     syn 
;DNA (5'-D(*GP*CP*CP*G)-3')
;
1191.818 1  ? ? ? ? 
2 polymer     syn 
;DNA (5'-D(*(CBR)P*GP*GP*C)-3')
;
1190.734 1  ? ? ? ? 
3 non-polymer syn 'BARIUM ION'                     137.327  1  ? ? ? ? 
4 non-polymer syn 'Lambda-Ru(phen)2(dppz) complex' 743.779  1  ? ? ? ? 
5 water       nat water                            18.015   62 ? ? ? ? 
# 
loop_
_entity_poly.entity_id 
_entity_poly.type 
_entity_poly.nstd_linkage 
_entity_poly.nstd_monomer 
_entity_poly.pdbx_seq_one_letter_code 
_entity_poly.pdbx_seq_one_letter_code_can 
_entity_poly.pdbx_strand_id 
_entity_poly.pdbx_target_identifier 
1 polydeoxyribonucleotide no no  '(DG)(DC)(DC)(DG)'  GCCG A ? 
2 polydeoxyribonucleotide no yes '(5BT)(DG)(DG)(DC)' XGGC C ? 
# 
loop_
_pdbx_entity_nonpoly.entity_id 
_pdbx_entity_nonpoly.name 
_pdbx_entity_nonpoly.comp_id 
3 'BARIUM ION'                     BA  
4 'Lambda-Ru(phen)2(dppz) complex' RKP 
5 water                            HOH 
# 
loop_
_entity_poly_seq.entity_id 
_entity_poly_seq.num 
_entity_poly_seq.mon_id 
_entity_poly_seq.hetero 
1 1 DG  n 
1 2 DC  n 
1 3 DC  n 
1 4 DG  n 
2 1 5BT n 
2 2 DG  n 
2 3 DG  n 
2 4 DC  n 
# 
loop_
_pdbx_entity_src_syn.entity_id 
_pdbx_entity_src_syn.pdbx_src_id 
_pdbx_entity_src_syn.pdbx_alt_source_flag 
_pdbx_entity_src_syn.pdbx_beg_seq_num 
_pdbx_entity_src_syn.pdbx_end_seq_num 
_pdbx_entity_src_syn.organism_scientific 
_pdbx_entity_src_syn.organism_common_name 
_pdbx_entity_src_syn.ncbi_taxonomy_id 
_pdbx_entity_src_syn.details 
1 1 sample 1 4 'synthetic construct' ? 32630 ? 
2 1 sample 1 4 'synthetic construct' ? 32630 ? 
# 
loop_
_chem_comp.id 
_chem_comp.type 
_chem_comp.mon_nstd_flag 
_chem_comp.name 
_chem_comp.pdbx_synonyms 
_chem_comp.formula 
_chem_comp.formula_weight 
5BT non-polymer   . "5-bromo-2'-deoxycytidine"           "5-bromo-2'-doxy-D-cytidine" 'C9 H12 Br N3 O4' 306.113 
BA  non-polymer   . 'BARIUM ION'                         ?                            'Ba 2'            137.327 
DC  'DNA linking' y "2'-DEOXYCYTIDINE-5'-MONOPHOSPHATE"  ?                            'C9 H14 N3 O7 P'  307.197 
DG  'DNA linking' y "2'-DEOXYGUANOSINE-5'-MONOPHOSPHATE" ?                            'C10 H14 N5 O7 P' 347.221 
HOH non-polymer   . WATER                                ?                            'H2 O'            18.015  
RKP non-polymer   . 'Lambda-Ru(phen)2(dppz) complex'     ?                            'C42 H26 N8 Ru'   743.779 
# 
loop_
_pdbx_poly_seq_scheme.asym_id 
_pdbx_poly_seq_scheme.entity_id 
_pdbx_poly_seq_scheme.seq_id 
_pdbx_poly_seq_scheme.mon_id 
_pdbx_poly_seq_scheme.ndb_seq_num 
_pdbx_poly_seq_scheme.pdb_seq_num 
_pdbx_poly_seq_scheme.auth_seq_num 
_pdbx_poly_seq_scheme.pdb_mon_id 
_pdbx_poly_seq_scheme.auth_mon_id 
_pdbx_poly_seq_scheme.pdb_strand_id 
_pdbx_poly_seq_scheme.pdb_ins_code 
_pdbx_poly_seq_scheme.hetero 
A 1 1 DG  1 1 1 DG  DG  A . n 
A 1 2 DC  2 2 2 DC  DC  A . n 
A 1 3 DC  3 3 3 DC  DC  A . n 
A 1 4 DG  4 4 4 DG  DG  A . n 
B 2 1 5BT 1 1 1 5BT CBR C . n 
B 2 2 DG  2 2 2 DG  DG  C . n 
B 2 3 DG  3 3 3 DG  DG  C . n 
B 2 4 DC  4 4 4 DC  DC  C . n 
# 
loop_
_pdbx_nonpoly_scheme.asym_id 
_pdbx_nonpoly_scheme.entity_id 
_pdbx_nonpoly_scheme.mon_id 
_pdbx_nonpoly_scheme.ndb_seq_num 
_pdbx_nonpoly_scheme.pdb_seq_num 
_pdbx_nonpoly_scheme.auth_seq_num 
_pdbx_nonpoly_scheme.pdb_mon_id 
_pdbx_nonpoly_scheme.auth_mon_id 
_pdbx_nonpoly_scheme.pdb_strand_id 
_pdbx_nonpoly_scheme.pdb_ins_code 
C 3 BA  1  101 1  BA  BA  A . 
D 4 RKP 1  101 1  RKP RKP C . 
E 5 HOH 1  201 4  HOH HOH A . 
E 5 HOH 2  202 28 HOH HOH A . 
E 5 HOH 3  203 2  HOH HOH A . 
E 5 HOH 4  204 39 HOH HOH A . 
E 5 HOH 5  205 44 HOH HOH A . 
E 5 HOH 6  206 69 HOH HOH A . 
E 5 HOH 7  207 16 HOH HOH A . 
E 5 HOH 8  208 46 HOH HOH A . 
E 5 HOH 9  209 55 HOH HOH A . 
E 5 HOH 10 210 14 HOH HOH A . 
E 5 HOH 11 211 73 HOH HOH A . 
E 5 HOH 12 212 19 HOH HOH A . 
E 5 HOH 13 213 50 HOH HOH A . 
E 5 HOH 14 214 13 HOH HOH A . 
E 5 HOH 15 215 74 HOH HOH A . 
E 5 HOH 16 216 53 HOH HOH A . 
E 5 HOH 17 217 11 HOH HOH A . 
E 5 HOH 18 218 6  HOH HOH A . 
E 5 HOH 19 219 36 HOH HOH A . 
E 5 HOH 20 220 56 HOH HOH A . 
E 5 HOH 21 221 23 HOH HOH A . 
E 5 HOH 22 222 31 HOH HOH A . 
E 5 HOH 23 223 66 HOH HOH A . 
E 5 HOH 24 224 12 HOH HOH A . 
E 5 HOH 25 225 43 HOH HOH A . 
E 5 HOH 26 226 58 HOH HOH A . 
E 5 HOH 27 227 41 HOH HOH A . 
E 5 HOH 28 228 32 HOH HOH A . 
E 5 HOH 29 229 72 HOH HOH A . 
E 5 HOH 30 230 75 HOH HOH A . 
E 5 HOH 31 231 33 HOH HOH A . 
E 5 HOH 32 232 65 HOH HOH A . 
E 5 HOH 33 233 10 HOH HOH A . 
F 5 HOH 1  201 20 HOH HOH C . 
F 5 HOH 2  202 70 HOH HOH C . 
F 5 HOH 3  203 51 HOH HOH C . 
F 5 HOH 4  204 22 HOH HOH C . 
F 5 HOH 5  205 67 HOH HOH C . 
F 5 HOH 6  206 48 HOH HOH C . 
F 5 HOH 7  207 18 HOH HOH C . 
F 5 HOH 8  208 25 HOH HOH C . 
F 5 HOH 9  209 9  HOH HOH C . 
F 5 HOH 10 210 34 HOH HOH C . 
F 5 HOH 11 211 80 HOH HOH C . 
F 5 HOH 12 212 29 HOH HOH C . 
F 5 HOH 13 213 57 HOH HOH C . 
F 5 HOH 14 214 5  HOH HOH C . 
F 5 HOH 15 215 24 HOH HOH C . 
F 5 HOH 16 216 15 HOH HOH C . 
F 5 HOH 17 217 8  HOH HOH C . 
F 5 HOH 18 218 37 HOH HOH C . 
F 5 HOH 19 219 3  HOH HOH C . 
F 5 HOH 20 220 30 HOH HOH C . 
F 5 HOH 21 221 17 HOH HOH C . 
F 5 HOH 22 222 35 HOH HOH C . 
F 5 HOH 23 223 7  HOH HOH C . 
F 5 HOH 24 224 27 HOH HOH C . 
F 5 HOH 25 225 54 HOH HOH C . 
F 5 HOH 26 226 21 HOH HOH C . 
F 5 HOH 27 227 26 HOH HOH C . 
F 5 HOH 28 228 38 HOH HOH C . 
F 5 HOH 29 229 49 HOH HOH C . 
# 
loop_
_software.citation_id 
_software.classification 
_software.compiler_name 
_software.compiler_version 
_software.contact_author 
_software.contact_author_email 
_software.date 
_software.description 
_software.dependencies 
_software.hardware 
_software.language 
_software.location 
_software.mods 
_software.name 
_software.os 
_software.os_version 
_software.type 
_software.version 
_software.pdbx_ordinal 
? refinement       ? ? ? ? ? ? ? ? ? ? ? REFMAC  ? ? ? 5.8.0135 1 
? 'data reduction' ? ? ? ? ? ? ? ? ? ? ? XDS     ? ? ? .        2 
? 'data scaling'   ? ? ? ? ? ? ? ? ? ? ? Aimless ? ? ? .        3 
? phasing          ? ? ? ? ? ? ? ? ? ? ? SHELXCD ? ? ? .        4 
? 'data reduction' ? ? ? ? ? ? ? ? ? ? ? xia2    ? ? ? .        5 
# 
_cell.angle_alpha                  90.00 
_cell.angle_alpha_esd              ? 
_cell.angle_beta                   90.00 
_cell.angle_beta_esd               ? 
_cell.angle_gamma                  120.00 
_cell.angle_gamma_esd              ? 
_cell.entry_id                     5LFW 
_cell.details                      ? 
_cell.formula_units_Z              ? 
_cell.length_a                     67.340 
_cell.length_a_esd                 ? 
_cell.length_b                     67.340 
_cell.length_b_esd                 ? 
_cell.length_c                     35.790 
_cell.length_c_esd                 ? 
_cell.volume                       ? 
_cell.volume_esd                   ? 
_cell.Z_PDB                        12 
_cell.reciprocal_angle_alpha       ? 
_cell.reciprocal_angle_beta        ? 
_cell.reciprocal_angle_gamma       ? 
_cell.reciprocal_angle_alpha_esd   ? 
_cell.reciprocal_angle_beta_esd    ? 
_cell.reciprocal_angle_gamma_esd   ? 
_cell.reciprocal_length_a          ? 
_cell.reciprocal_length_b          ? 
_cell.reciprocal_length_c          ? 
_cell.reciprocal_length_a_esd      ? 
_cell.reciprocal_length_b_esd      ? 
_cell.reciprocal_length_c_esd      ? 
_cell.pdbx_unique_axis             ? 
# 
_symmetry.entry_id                         5LFW 
_symmetry.cell_setting                     ? 
_symmetry.Int_Tables_number                181 
_symmetry.space_group_name_Hall            ? 
_symmetry.space_group_name_H-M             'P 64 2 2' 
_symmetry.pdbx_full_space_group_name_H-M   ? 
# 
_exptl.absorpt_coefficient_mu     ? 
_exptl.absorpt_correction_T_max   ? 
_exptl.absorpt_correction_T_min   ? 
_exptl.absorpt_correction_type    ? 
_exptl.absorpt_process_details    ? 
_exptl.entry_id                   5LFW 
_exptl.crystals_number            1 
_exptl.details                    ? 
_exptl.method                     'X-RAY DIFFRACTION' 
_exptl.method_details             ? 
# 
_exptl_crystal.colour                      ? 
_exptl_crystal.density_diffrn              ? 
_exptl_crystal.density_Matthews            4.92 
_exptl_crystal.density_method              ? 
_exptl_crystal.density_percent_sol         74.98 
_exptl_crystal.description                 ? 
_exptl_crystal.F_000                       ? 
_exptl_crystal.id                          1 
_exptl_crystal.preparation                 ? 
_exptl_crystal.size_max                    ? 
_exptl_crystal.size_mid                    ? 
_exptl_crystal.size_min                    ? 
_exptl_crystal.size_rad                    ? 
_exptl_crystal.colour_lustre               ? 
_exptl_crystal.colour_modifier             ? 
_exptl_crystal.colour_primary              ? 
_exptl_crystal.density_meas                ? 
_exptl_crystal.density_meas_esd            ? 
_exptl_crystal.density_meas_gt             ? 
_exptl_crystal.density_meas_lt             ? 
_exptl_crystal.density_meas_temp           ? 
_exptl_crystal.density_meas_temp_esd       ? 
_exptl_crystal.density_meas_temp_gt        ? 
_exptl_crystal.density_meas_temp_lt        ? 
_exptl_crystal.pdbx_crystal_image_url      ? 
_exptl_crystal.pdbx_crystal_image_format   ? 
_exptl_crystal.pdbx_mosaicity              ? 
_exptl_crystal.pdbx_mosaicity_esd          ? 
# 
_exptl_crystal_grow.apparatus       ? 
_exptl_crystal_grow.atmosphere      ? 
_exptl_crystal_grow.crystal_id      1 
_exptl_crystal_grow.details         ? 
_exptl_crystal_grow.method          'VAPOR DIFFUSION, SITTING DROP' 
_exptl_crystal_grow.method_ref      ? 
_exptl_crystal_grow.pH              7 
_exptl_crystal_grow.pressure        ? 
_exptl_crystal_grow.pressure_esd    ? 
_exptl_crystal_grow.seeding         ? 
_exptl_crystal_grow.seeding_ref     ? 
_exptl_crystal_grow.temp            291 
_exptl_crystal_grow.temp_details    ? 
_exptl_crystal_grow.temp_esd        ? 
_exptl_crystal_grow.time            ? 
_exptl_crystal_grow.pdbx_details    
;1ul 2mM DNA (single stranded), 1uL 4mM Lambda-[Ru(phen)2(dppz)]2+, 6uL of 10% 2-methyl-2,4-pentanediol, 40mM sodium cacodylate, 12mM spermine, 80mM KCl, 20mM BaCl2. Equilibrated against 1ml 2-methyl-2,4-pentanediol, pH 7,
;
_exptl_crystal_grow.pdbx_pH_range   ? 
# 
_diffrn.ambient_environment    ? 
_diffrn.ambient_temp           100 
_diffrn.ambient_temp_details   ? 
_diffrn.ambient_temp_esd       ? 
_diffrn.crystal_id             1 
_diffrn.crystal_support        ? 
_diffrn.crystal_treatment      ? 
_diffrn.details                ? 
_diffrn.id                     1 
_diffrn.ambient_pressure       ? 
_diffrn.ambient_pressure_esd   ? 
_diffrn.ambient_pressure_gt    ? 
_diffrn.ambient_pressure_lt    ? 
_diffrn.ambient_temp_gt        ? 
_diffrn.ambient_temp_lt        ? 
# 
_diffrn_detector.details                      ? 
_diffrn_detector.detector                     PIXEL 
_diffrn_detector.diffrn_id                    1 
_diffrn_detector.type                         'DECTRIS PILATUS 6M-F' 
_diffrn_detector.area_resol_mean              ? 
_diffrn_detector.dtime                        ? 
_diffrn_detector.pdbx_frames_total            ? 
_diffrn_detector.pdbx_collection_time_total   ? 
_diffrn_detector.pdbx_collection_date         2014-02-17 
# 
_diffrn_radiation.collimation                      ? 
_diffrn_radiation.diffrn_id                        1 
_diffrn_radiation.filter_edge                      ? 
_diffrn_radiation.inhomogeneity                    ? 
_diffrn_radiation.monochromator                    ? 
_diffrn_radiation.polarisn_norm                    ? 
_diffrn_radiation.polarisn_ratio                   ? 
_diffrn_radiation.probe                            ? 
_diffrn_radiation.type                             ? 
_diffrn_radiation.xray_symbol                      ? 
_diffrn_radiation.wavelength_id                    1 
_diffrn_radiation.pdbx_monochromatic_or_laue_m_l   M 
_diffrn_radiation.pdbx_wavelength_list             ? 
_diffrn_radiation.pdbx_wavelength                  ? 
_diffrn_radiation.pdbx_diffrn_protocol             'SINGLE WAVELENGTH' 
_diffrn_radiation.pdbx_analyzer                    ? 
_diffrn_radiation.pdbx_scattering_type             x-ray 
# 
_diffrn_radiation_wavelength.id           1 
_diffrn_radiation_wavelength.wavelength   0.8266 
_diffrn_radiation_wavelength.wt           1.0 
# 
_diffrn_source.current                     ? 
_diffrn_source.details                     ? 
_diffrn_source.diffrn_id                   1 
_diffrn_source.power                       ? 
_diffrn_source.size                        ? 
_diffrn_source.source                      SYNCHROTRON 
_diffrn_source.target                      ? 
_diffrn_source.type                        'DIAMOND BEAMLINE I02' 
_diffrn_source.voltage                     ? 
_diffrn_source.take-off_angle              ? 
_diffrn_source.pdbx_wavelength_list        0.8266 
_diffrn_source.pdbx_wavelength             ? 
_diffrn_source.pdbx_synchrotron_beamline   I02 
_diffrn_source.pdbx_synchrotron_site       Diamond 
# 
_reflns.B_iso_Wilson_estimate            ? 
_reflns.entry_id                         5LFW 
_reflns.data_reduction_details           ? 
_reflns.data_reduction_method            ? 
_reflns.d_resolution_high                1.28 
_reflns.d_resolution_low                 24.52 
_reflns.details                          ? 
_reflns.limit_h_max                      ? 
_reflns.limit_h_min                      ? 
_reflns.limit_k_max                      ? 
_reflns.limit_k_min                      ? 
_reflns.limit_l_max                      ? 
_reflns.limit_l_min                      ? 
_reflns.number_all                       ? 
_reflns.number_obs                       12524 
_reflns.observed_criterion               ? 
_reflns.observed_criterion_F_max         ? 
_reflns.observed_criterion_F_min         ? 
_reflns.observed_criterion_I_max         ? 
_reflns.observed_criterion_I_min         ? 
_reflns.observed_criterion_sigma_F       -3 
_reflns.observed_criterion_sigma_I       ? 
_reflns.percent_possible_obs             98 
_reflns.R_free_details                   ? 
_reflns.Rmerge_F_all                     ? 
_reflns.Rmerge_F_obs                     ? 
_reflns.Friedel_coverage                 ? 
_reflns.number_gt                        ? 
_reflns.threshold_expression             ? 
_reflns.pdbx_redundancy                  9.4 
_reflns.pdbx_Rmerge_I_obs                0.044 
_reflns.pdbx_Rmerge_I_all                ? 
_reflns.pdbx_Rsym_value                  ? 
_reflns.pdbx_netI_over_av_sigmaI         ? 
_reflns.pdbx_netI_over_sigmaI            17.9 
_reflns.pdbx_res_netI_over_av_sigmaI_2   ? 
_reflns.pdbx_res_netI_over_sigmaI_2      ? 
_reflns.pdbx_chi_squared                 ? 
_reflns.pdbx_scaling_rejects             ? 
_reflns.pdbx_d_res_high_opt              ? 
_reflns.pdbx_d_res_low_opt               ? 
_reflns.pdbx_d_res_opt_method            ? 
_reflns.phase_calculation_details        ? 
_reflns.pdbx_Rrim_I_all                  ? 
_reflns.pdbx_Rpim_I_all                  ? 
_reflns.pdbx_d_opt                       ? 
_reflns.pdbx_number_measured_all         ? 
_reflns.pdbx_diffrn_id                   1 
_reflns.pdbx_ordinal                     1 
_reflns.pdbx_CC_half                     0.999 
_reflns.pdbx_R_split                     ? 
# 
_reflns_shell.d_res_high                  1.28 
_reflns_shell.d_res_low                   1.31 
_reflns_shell.meanI_over_sigI_all         ? 
_reflns_shell.meanI_over_sigI_obs         2.2 
_reflns_shell.number_measured_all         ? 
_reflns_shell.number_measured_obs         ? 
_reflns_shell.number_possible             ? 
_reflns_shell.number_unique_all           ? 
_reflns_shell.number_unique_obs           ? 
_reflns_shell.percent_possible_all        98 
_reflns_shell.percent_possible_obs        ? 
_reflns_shell.Rmerge_F_all                ? 
_reflns_shell.Rmerge_F_obs                ? 
_reflns_shell.Rmerge_I_all                ? 
_reflns_shell.Rmerge_I_obs                0.872 
_reflns_shell.meanI_over_sigI_gt          ? 
_reflns_shell.meanI_over_uI_all           ? 
_reflns_shell.meanI_over_uI_gt            ? 
_reflns_shell.number_measured_gt          ? 
_reflns_shell.number_unique_gt            ? 
_reflns_shell.percent_possible_gt         ? 
_reflns_shell.Rmerge_F_gt                 ? 
_reflns_shell.Rmerge_I_gt                 ? 
_reflns_shell.pdbx_redundancy             9.4 
_reflns_shell.pdbx_Rsym_value             ? 
_reflns_shell.pdbx_chi_squared            ? 
_reflns_shell.pdbx_netI_over_sigmaI_all   ? 
_reflns_shell.pdbx_netI_over_sigmaI_obs   ? 
_reflns_shell.pdbx_Rrim_I_all             ? 
_reflns_shell.pdbx_Rpim_I_all             ? 
_reflns_shell.pdbx_rejects                ? 
_reflns_shell.pdbx_ordinal                1 
_reflns_shell.pdbx_diffrn_id              1 
_reflns_shell.pdbx_CC_half                0.882 
_reflns_shell.pdbx_R_split                ? 
# 
_refine.aniso_B[1][1]                            0.27 
_refine.aniso_B[1][2]                            0.13 
_refine.aniso_B[1][3]                            0.00 
_refine.aniso_B[2][2]                            0.27 
_refine.aniso_B[2][3]                            -0.00 
_refine.aniso_B[3][3]                            -0.87 
_refine.B_iso_max                                ? 
_refine.B_iso_mean                               20.355 
_refine.B_iso_min                                ? 
_refine.correlation_coeff_Fo_to_Fc               0.978 
_refine.correlation_coeff_Fo_to_Fc_free          0.968 
_refine.details                                  'HYDROGENS HAVE BEEN ADDED IN THE RIDING POSITIONS' 
_refine.diff_density_max                         ? 
_refine.diff_density_max_esd                     ? 
_refine.diff_density_min                         ? 
_refine.diff_density_min_esd                     ? 
_refine.diff_density_rms                         ? 
_refine.diff_density_rms_esd                     ? 
_refine.entry_id                                 5LFW 
_refine.pdbx_refine_id                           'X-RAY DIFFRACTION' 
_refine.ls_abs_structure_details                 ? 
_refine.ls_abs_structure_Flack                   ? 
_refine.ls_abs_structure_Flack_esd               ? 
_refine.ls_abs_structure_Rogers                  ? 
_refine.ls_abs_structure_Rogers_esd              ? 
_refine.ls_d_res_high                            1.28 
_refine.ls_d_res_low                             24.52 
_refine.ls_extinction_coef                       ? 
_refine.ls_extinction_coef_esd                   ? 
_refine.ls_extinction_expression                 ? 
_refine.ls_extinction_method                     ? 
_refine.ls_goodness_of_fit_all                   ? 
_refine.ls_goodness_of_fit_all_esd               ? 
_refine.ls_goodness_of_fit_obs                   ? 
_refine.ls_goodness_of_fit_obs_esd               ? 
_refine.ls_hydrogen_treatment                    ? 
_refine.ls_matrix_type                           ? 
_refine.ls_number_constraints                    ? 
_refine.ls_number_parameters                     ? 
_refine.ls_number_reflns_all                     ? 
_refine.ls_number_reflns_obs                     7986 
_refine.ls_number_reflns_R_free                  430 
_refine.ls_number_reflns_R_work                  ? 
_refine.ls_number_restraints                     ? 
_refine.ls_percent_reflns_obs                    65.81 
_refine.ls_percent_reflns_R_free                 5.1 
_refine.ls_R_factor_all                          ? 
_refine.ls_R_factor_obs                          0.14241 
_refine.ls_R_factor_R_free                       0.17102 
_refine.ls_R_factor_R_free_error                 ? 
_refine.ls_R_factor_R_free_error_details         ? 
_refine.ls_R_factor_R_work                       0.14087 
_refine.ls_R_Fsqd_factor_obs                     ? 
_refine.ls_R_I_factor_obs                        ? 
_refine.ls_redundancy_reflns_all                 ? 
_refine.ls_redundancy_reflns_obs                 ? 
_refine.ls_restrained_S_all                      ? 
_refine.ls_restrained_S_obs                      ? 
_refine.ls_shift_over_esd_max                    ? 
_refine.ls_shift_over_esd_mean                   ? 
_refine.ls_structure_factor_coef                 ? 
_refine.ls_weighting_details                     ? 
_refine.ls_weighting_scheme                      ? 
_refine.ls_wR_factor_all                         ? 
_refine.ls_wR_factor_obs                         ? 
_refine.ls_wR_factor_R_free                      ? 
_refine.ls_wR_factor_R_work                      ? 
_refine.occupancy_max                            ? 
_refine.occupancy_min                            ? 
_refine.solvent_model_details                    ? 
_refine.solvent_model_param_bsol                 ? 
_refine.solvent_model_param_ksol                 ? 
_refine.ls_R_factor_gt                           ? 
_refine.ls_goodness_of_fit_gt                    ? 
_refine.ls_goodness_of_fit_ref                   ? 
_refine.ls_shift_over_su_max                     ? 
_refine.ls_shift_over_su_max_lt                  ? 
_refine.ls_shift_over_su_mean                    ? 
_refine.ls_shift_over_su_mean_lt                 ? 
_refine.pdbx_ls_sigma_I                          ? 
_refine.pdbx_ls_sigma_F                          ? 
_refine.pdbx_ls_sigma_Fsqd                       ? 
_refine.pdbx_data_cutoff_high_absF               ? 
_refine.pdbx_data_cutoff_high_rms_absF           ? 
_refine.pdbx_data_cutoff_low_absF                ? 
_refine.pdbx_isotropic_thermal_model             ? 
_refine.pdbx_ls_cross_valid_method               THROUGHOUT 
_refine.pdbx_method_to_determine_struct          SAD 
_refine.pdbx_starting_model                      ? 
_refine.pdbx_stereochemistry_target_values       ? 
_refine.pdbx_R_Free_selection_details            RANDOM 
_refine.pdbx_stereochem_target_val_spec_case     ? 
_refine.pdbx_overall_ESU_R                       0.047 
_refine.pdbx_overall_ESU_R_Free                  0.047 
_refine.pdbx_solvent_vdw_probe_radii             1.20 
_refine.pdbx_solvent_ion_probe_radii             0.80 
_refine.pdbx_solvent_shrinkage_radii             0.80 
_refine.pdbx_real_space_R                        ? 
_refine.pdbx_density_correlation                 ? 
_refine.pdbx_pd_number_of_powder_patterns        ? 
_refine.pdbx_pd_number_of_points                 ? 
_refine.pdbx_pd_meas_number_of_points            ? 
_refine.pdbx_pd_proc_ls_prof_R_factor            ? 
_refine.pdbx_pd_proc_ls_prof_wR_factor           ? 
_refine.pdbx_pd_Marquardt_correlation_coeff      ? 
_refine.pdbx_pd_Fsqrd_R_factor                   ? 
_refine.pdbx_pd_ls_matrix_band_width             ? 
_refine.pdbx_overall_phase_error                 ? 
_refine.pdbx_overall_SU_R_free_Cruickshank_DPI   ? 
_refine.pdbx_overall_SU_R_free_Blow_DPI          ? 
_refine.pdbx_overall_SU_R_Blow_DPI               ? 
_refine.pdbx_TLS_residual_ADP_flag               ? 
_refine.pdbx_diffrn_id                           1 
_refine.overall_SU_B                             1.026 
_refine.overall_SU_ML                            0.021 
_refine.overall_SU_R_Cruickshank_DPI             ? 
_refine.overall_SU_R_free                        ? 
_refine.overall_FOM_free_R_set                   ? 
_refine.overall_FOM_work_R_set                   ? 
_refine.pdbx_average_fsc_overall                 ? 
_refine.pdbx_average_fsc_work                    ? 
_refine.pdbx_average_fsc_free                    ? 
# 
_refine_hist.pdbx_refine_id                   'X-RAY DIFFRACTION' 
_refine_hist.cycle_id                         1 
_refine_hist.pdbx_number_atoms_protein        0 
_refine_hist.pdbx_number_atoms_nucleic_acid   159 
_refine_hist.pdbx_number_atoms_ligand         52 
_refine_hist.number_atoms_solvent             62 
_refine_hist.number_atoms_total               273 
_refine_hist.d_res_high                       1.28 
_refine_hist.d_res_low                        24.52 
# 
loop_
_refine_ls_restr.pdbx_refine_id 
_refine_ls_restr.criterion 
_refine_ls_restr.dev_ideal 
_refine_ls_restr.dev_ideal_target 
_refine_ls_restr.number 
_refine_ls_restr.rejects 
_refine_ls_restr.type 
_refine_ls_restr.weight 
_refine_ls_restr.pdbx_restraint_function 
'X-RAY DIFFRACTION' ? 0.010  0.014  241 ? r_bond_refined_d             ? ? 
'X-RAY DIFFRACTION' ? 0.003  0.020  115 ? r_bond_other_d               ? ? 
'X-RAY DIFFRACTION' ? 2.461  1.800  379 ? r_angle_refined_deg          ? ? 
'X-RAY DIFFRACTION' ? 1.398  3.000  260 ? r_angle_other_deg            ? ? 
'X-RAY DIFFRACTION' ? ?      ?      ?   ? r_dihedral_angle_1_deg       ? ? 
'X-RAY DIFFRACTION' ? ?      ?      ?   ? r_dihedral_angle_2_deg       ? ? 
'X-RAY DIFFRACTION' ? ?      ?      ?   ? r_dihedral_angle_3_deg       ? ? 
'X-RAY DIFFRACTION' ? ?      ?      ?   ? r_dihedral_angle_4_deg       ? ? 
'X-RAY DIFFRACTION' ? 0.083  0.200  24  ? r_chiral_restr               ? ? 
'X-RAY DIFFRACTION' ? 0.022  0.020  150 ? r_gen_planes_refined         ? ? 
'X-RAY DIFFRACTION' ? 0.002  0.020  69  ? r_gen_planes_other           ? ? 
'X-RAY DIFFRACTION' ? ?      ?      ?   ? r_nbd_refined                ? ? 
'X-RAY DIFFRACTION' ? ?      ?      ?   ? r_nbd_other                  ? ? 
'X-RAY DIFFRACTION' ? ?      ?      ?   ? r_nbtor_refined              ? ? 
'X-RAY DIFFRACTION' ? ?      ?      ?   ? r_nbtor_other                ? ? 
'X-RAY DIFFRACTION' ? ?      ?      ?   ? r_xyhbond_nbd_refined        ? ? 
'X-RAY DIFFRACTION' ? ?      ?      ?   ? r_xyhbond_nbd_other          ? ? 
'X-RAY DIFFRACTION' ? ?      ?      ?   ? r_metal_ion_refined          ? ? 
'X-RAY DIFFRACTION' ? ?      ?      ?   ? r_metal_ion_other            ? ? 
'X-RAY DIFFRACTION' ? ?      ?      ?   ? r_symmetry_vdw_refined       ? ? 
'X-RAY DIFFRACTION' ? ?      ?      ?   ? r_symmetry_vdw_other         ? ? 
'X-RAY DIFFRACTION' ? ?      ?      ?   ? r_symmetry_hbond_refined     ? ? 
'X-RAY DIFFRACTION' ? ?      ?      ?   ? r_symmetry_hbond_other       ? ? 
'X-RAY DIFFRACTION' ? ?      ?      ?   ? r_symmetry_metal_ion_refined ? ? 
'X-RAY DIFFRACTION' ? ?      ?      ?   ? r_symmetry_metal_ion_other   ? ? 
'X-RAY DIFFRACTION' ? ?      ?      ?   ? r_mcbond_it                  ? ? 
'X-RAY DIFFRACTION' ? ?      ?      ?   ? r_mcbond_other               ? ? 
'X-RAY DIFFRACTION' ? ?      ?      ?   ? r_mcangle_it                 ? ? 
'X-RAY DIFFRACTION' ? ?      ?      ?   ? r_mcangle_other              ? ? 
'X-RAY DIFFRACTION' ? 1.480  1.764  241 ? r_scbond_it                  ? ? 
'X-RAY DIFFRACTION' ? 1.477  1.766  242 ? r_scbond_other               ? ? 
'X-RAY DIFFRACTION' ? ?      ?      ?   ? r_scangle_it                 ? ? 
'X-RAY DIFFRACTION' ? 1.878  2.630  380 ? r_scangle_other              ? ? 
'X-RAY DIFFRACTION' ? 2.810  20.875 627 ? r_long_range_B_refined       ? ? 
'X-RAY DIFFRACTION' ? 2.588  20.036 593 ? r_long_range_B_other         ? ? 
'X-RAY DIFFRACTION' ? 1.933  3.000  355 ? r_rigid_bond_restr           ? ? 
'X-RAY DIFFRACTION' ? 23.836 5.000  13  ? r_sphericity_free            ? ? 
'X-RAY DIFFRACTION' ? 12.625 5.000  375 ? r_sphericity_bonded          ? ? 
# 
_refine_ls_shell.pdbx_refine_id                   'X-RAY DIFFRACTION' 
_refine_ls_shell.d_res_high                       1.281 
_refine_ls_shell.d_res_low                        1.314 
_refine_ls_shell.number_reflns_all                ? 
_refine_ls_shell.number_reflns_obs                ? 
_refine_ls_shell.number_reflns_R_free             12 
_refine_ls_shell.number_reflns_R_work             114 
_refine_ls_shell.percent_reflns_obs               13.77 
_refine_ls_shell.percent_reflns_R_free            ? 
_refine_ls_shell.R_factor_all                     ? 
_refine_ls_shell.R_factor_obs                     ? 
_refine_ls_shell.R_factor_R_free                  0.134 
_refine_ls_shell.R_factor_R_free_error            ? 
_refine_ls_shell.R_factor_R_work                  0.129 
_refine_ls_shell.redundancy_reflns_all            ? 
_refine_ls_shell.redundancy_reflns_obs            ? 
_refine_ls_shell.wR_factor_all                    ? 
_refine_ls_shell.wR_factor_obs                    ? 
_refine_ls_shell.wR_factor_R_free                 ? 
_refine_ls_shell.wR_factor_R_work                 ? 
_refine_ls_shell.pdbx_total_number_of_bins_used   20 
_refine_ls_shell.pdbx_phase_error                 ? 
_refine_ls_shell.pdbx_fsc_work                    ? 
_refine_ls_shell.pdbx_fsc_free                    ? 
# 
_struct.entry_id                     5LFW 
_struct.title                        'Lambda-[Ru(phen)2(dppz)]2+ bound to a short substituted DNA sequence' 
_struct.pdbx_model_details           ? 
_struct.pdbx_formula_weight          ? 
_struct.pdbx_formula_weight_method   ? 
_struct.pdbx_model_type_details      ? 
_struct.pdbx_CASP_flag               N 
# 
_struct_keywords.entry_id        5LFW 
_struct_keywords.text            'DNA, ruthenium, intercalation, light-switch' 
_struct_keywords.pdbx_keywords   DNA 
# 
loop_
_struct_asym.id 
_struct_asym.pdbx_blank_PDB_chainid_flag 
_struct_asym.pdbx_modified 
_struct_asym.entity_id 
_struct_asym.details 
A N N 1 ? 
B N N 2 ? 
C N N 3 ? 
D N N 4 ? 
E N N 5 ? 
F N N 5 ? 
# 
loop_
_struct_ref.id 
_struct_ref.db_name 
_struct_ref.db_code 
_struct_ref.pdbx_db_accession 
_struct_ref.pdbx_db_isoform 
_struct_ref.entity_id 
_struct_ref.pdbx_seq_one_letter_code 
_struct_ref.pdbx_align_begin 
1 PDB 5LFW 5LFW ? 1 ? 1 
2 PDB 5LFW 5LFW ? 2 ? 1 
# 
loop_
_struct_ref_seq.align_id 
_struct_ref_seq.ref_id 
_struct_ref_seq.pdbx_PDB_id_code 
_struct_ref_seq.pdbx_strand_id 
_struct_ref_seq.seq_align_beg 
_struct_ref_seq.pdbx_seq_align_beg_ins_code 
_struct_ref_seq.seq_align_end 
_struct_ref_seq.pdbx_seq_align_end_ins_code 
_struct_ref_seq.pdbx_db_accession 
_struct_ref_seq.db_align_beg 
_struct_ref_seq.pdbx_db_align_beg_ins_code 
_struct_ref_seq.db_align_end 
_struct_ref_seq.pdbx_db_align_end_ins_code 
_struct_ref_seq.pdbx_auth_seq_align_beg 
_struct_ref_seq.pdbx_auth_seq_align_end 
1 1 5LFW A 1 ? 4 ? 5LFW 1 ? 4 ? 1 4 
2 2 5LFW C 1 ? 4 ? 5LFW 1 ? 4 ? 1 4 
# 
_pdbx_struct_assembly.id                   1 
_pdbx_struct_assembly.details              software_defined_assembly 
_pdbx_struct_assembly.method_details       PISA 
_pdbx_struct_assembly.oligomeric_details   dimeric 
_pdbx_struct_assembly.oligomeric_count     2 
# 
loop_
_pdbx_struct_assembly_prop.biol_id 
_pdbx_struct_assembly_prop.type 
_pdbx_struct_assembly_prop.value 
_pdbx_struct_assembly_prop.details 
1 'ABSA (A^2)' 930  ? 
1 MORE         -9   ? 
1 'SSA (A^2)'  2030 ? 
# 
_pdbx_struct_assembly_gen.assembly_id       1 
_pdbx_struct_assembly_gen.oper_expression   1 
_pdbx_struct_assembly_gen.asym_id_list      A,B,C,D,E,F 
# 
_pdbx_struct_oper_list.id                   1 
_pdbx_struct_oper_list.type                 'identity operation' 
_pdbx_struct_oper_list.name                 1_555 
_pdbx_struct_oper_list.symmetry_operation   x,y,z 
_pdbx_struct_oper_list.matrix[1][1]         1.0000000000 
_pdbx_struct_oper_list.matrix[1][2]         0.0000000000 
_pdbx_struct_oper_list.matrix[1][3]         0.0000000000 
_pdbx_struct_oper_list.vector[1]            0.0000000000 
_pdbx_struct_oper_list.matrix[2][1]         0.0000000000 
_pdbx_struct_oper_list.matrix[2][2]         1.0000000000 
_pdbx_struct_oper_list.matrix[2][3]         0.0000000000 
_pdbx_struct_oper_list.vector[2]            0.0000000000 
_pdbx_struct_oper_list.matrix[3][1]         0.0000000000 
_pdbx_struct_oper_list.matrix[3][2]         0.0000000000 
_pdbx_struct_oper_list.matrix[3][3]         1.0000000000 
_pdbx_struct_oper_list.vector[3]            0.0000000000 
# 
loop_
_struct_conn.id 
_struct_conn.conn_type_id 
_struct_conn.pdbx_leaving_atom_flag 
_struct_conn.pdbx_PDB_id 
_struct_conn.ptnr1_label_asym_id 
_struct_conn.ptnr1_label_comp_id 
_struct_conn.ptnr1_label_seq_id 
_struct_conn.ptnr1_label_atom_id 
_struct_conn.pdbx_ptnr1_label_alt_id 
_struct_conn.pdbx_ptnr1_PDB_ins_code 
_struct_conn.pdbx_ptnr1_standard_comp_id 
_struct_conn.ptnr1_symmetry 
_struct_conn.ptnr2_label_asym_id 
_struct_conn.ptnr2_label_comp_id 
_struct_conn.ptnr2_label_seq_id 
_struct_conn.ptnr2_label_atom_id 
_struct_conn.pdbx_ptnr2_label_alt_id 
_struct_conn.pdbx_ptnr2_PDB_ins_code 
_struct_conn.ptnr1_auth_asym_id 
_struct_conn.ptnr1_auth_comp_id 
_struct_conn.ptnr1_auth_seq_id 
_struct_conn.ptnr2_auth_asym_id 
_struct_conn.ptnr2_auth_comp_id 
_struct_conn.ptnr2_auth_seq_id 
_struct_conn.ptnr2_symmetry 
_struct_conn.pdbx_ptnr3_label_atom_id 
_struct_conn.pdbx_ptnr3_label_seq_id 
_struct_conn.pdbx_ptnr3_label_comp_id 
_struct_conn.pdbx_ptnr3_label_asym_id 
_struct_conn.pdbx_ptnr3_label_alt_id 
_struct_conn.pdbx_ptnr3_PDB_ins_code 
_struct_conn.details 
_struct_conn.pdbx_dist_value 
_struct_conn.pdbx_value_order 
_struct_conn.pdbx_role 
covale1 covale one ? B 5BT 1 "O3'" ? ? ? 1_555 B DG  2 P  ? ? C 5BT 1   C DG  2   1_555 ? ? ? ? ? ? ?            1.595 ? ? 
metalc1 metalc ?   ? A DG  1 O6    ? ? ? 1_555 C BA  . BA ? ? A DG  1   A BA  101 1_555 ? ? ? ? ? ? ?            2.937 ? ? 
metalc2 metalc ?   ? C BA  . BA    ? ? ? 1_555 E HOH . O  ? ? A BA  101 A HOH 221 1_555 ? ? ? ? ? ? ?            3.417 ? ? 
metalc3 metalc ?   ? C BA  . BA    ? ? ? 1_555 F HOH . O  ? ? A BA  101 C HOH 216 1_555 ? ? ? ? ? ? ?            3.271 ? ? 
hydrog1 hydrog ?   ? A DG  1 N1    ? ? ? 1_555 B DC  4 N3 ? ? A DG  1   C DC  4   1_555 ? ? ? ? ? ? WATSON-CRICK ?     ? ? 
hydrog2 hydrog ?   ? A DG  1 N2    ? ? ? 1_555 B DC  4 O2 ? ? A DG  1   C DC  4   1_555 ? ? ? ? ? ? WATSON-CRICK ?     ? ? 
hydrog3 hydrog ?   ? A DG  1 O6    ? ? ? 1_555 B DC  4 N4 ? ? A DG  1   C DC  4   1_555 ? ? ? ? ? ? WATSON-CRICK ?     ? ? 
hydrog4 hydrog ?   ? A DC  2 N3    ? ? ? 1_555 B DG  3 N1 ? ? A DC  2   C DG  3   1_555 ? ? ? ? ? ? WATSON-CRICK ?     ? ? 
hydrog5 hydrog ?   ? A DC  2 N4    ? ? ? 1_555 B DG  3 O6 ? ? A DC  2   C DG  3   1_555 ? ? ? ? ? ? WATSON-CRICK ?     ? ? 
hydrog6 hydrog ?   ? A DC  2 O2    ? ? ? 1_555 B DG  3 N2 ? ? A DC  2   C DG  3   1_555 ? ? ? ? ? ? WATSON-CRICK ?     ? ? 
hydrog7 hydrog ?   ? A DC  3 N3    ? ? ? 1_555 B DG  2 N1 ? ? A DC  3   C DG  2   1_555 ? ? ? ? ? ? WATSON-CRICK ?     ? ? 
hydrog8 hydrog ?   ? A DC  3 N4    ? ? ? 1_555 B DG  2 O6 ? ? A DC  3   C DG  2   1_555 ? ? ? ? ? ? WATSON-CRICK ?     ? ? 
hydrog9 hydrog ?   ? A DC  3 O2    ? ? ? 1_555 B DG  2 N2 ? ? A DC  3   C DG  2   1_555 ? ? ? ? ? ? WATSON-CRICK ?     ? ? 
# 
loop_
_struct_conn_type.id 
_struct_conn_type.criteria 
_struct_conn_type.reference 
covale ? ? 
metalc ? ? 
hydrog ? ? 
# 
loop_
_pdbx_struct_conn_angle.id 
_pdbx_struct_conn_angle.ptnr1_label_atom_id 
_pdbx_struct_conn_angle.ptnr1_label_alt_id 
_pdbx_struct_conn_angle.ptnr1_label_asym_id 
_pdbx_struct_conn_angle.ptnr1_label_comp_id 
_pdbx_struct_conn_angle.ptnr1_label_seq_id 
_pdbx_struct_conn_angle.ptnr1_auth_atom_id 
_pdbx_struct_conn_angle.ptnr1_auth_asym_id 
_pdbx_struct_conn_angle.ptnr1_auth_comp_id 
_pdbx_struct_conn_angle.ptnr1_auth_seq_id 
_pdbx_struct_conn_angle.ptnr1_PDB_ins_code 
_pdbx_struct_conn_angle.ptnr1_symmetry 
_pdbx_struct_conn_angle.ptnr2_label_atom_id 
_pdbx_struct_conn_angle.ptnr2_label_alt_id 
_pdbx_struct_conn_angle.ptnr2_label_asym_id 
_pdbx_struct_conn_angle.ptnr2_label_comp_id 
_pdbx_struct_conn_angle.ptnr2_label_seq_id 
_pdbx_struct_conn_angle.ptnr2_auth_atom_id 
_pdbx_struct_conn_angle.ptnr2_auth_asym_id 
_pdbx_struct_conn_angle.ptnr2_auth_comp_id 
_pdbx_struct_conn_angle.ptnr2_auth_seq_id 
_pdbx_struct_conn_angle.ptnr2_PDB_ins_code 
_pdbx_struct_conn_angle.ptnr2_symmetry 
_pdbx_struct_conn_angle.ptnr3_label_atom_id 
_pdbx_struct_conn_angle.ptnr3_label_alt_id 
_pdbx_struct_conn_angle.ptnr3_label_asym_id 
_pdbx_struct_conn_angle.ptnr3_label_comp_id 
_pdbx_struct_conn_angle.ptnr3_label_seq_id 
_pdbx_struct_conn_angle.ptnr3_auth_atom_id 
_pdbx_struct_conn_angle.ptnr3_auth_asym_id 
_pdbx_struct_conn_angle.ptnr3_auth_comp_id 
_pdbx_struct_conn_angle.ptnr3_auth_seq_id 
_pdbx_struct_conn_angle.ptnr3_PDB_ins_code 
_pdbx_struct_conn_angle.ptnr3_symmetry 
_pdbx_struct_conn_angle.value 
_pdbx_struct_conn_angle.value_esd 
1 O6 ? A DG  1 ? A DG  1   ? 1_555 BA ? C BA . ? A BA 101 ? 1_555 O ? E HOH . ? A HOH 221 ? 1_555 98.9  ? 
2 O6 ? A DG  1 ? A DG  1   ? 1_555 BA ? C BA . ? A BA 101 ? 1_555 O ? F HOH . ? C HOH 216 ? 1_555 67.0  ? 
3 O  ? E HOH . ? A HOH 221 ? 1_555 BA ? C BA . ? A BA 101 ? 1_555 O ? F HOH . ? C HOH 216 ? 1_555 164.7 ? 
# 
loop_
_struct_site.id 
_struct_site.pdbx_evidence_code 
_struct_site.pdbx_auth_asym_id 
_struct_site.pdbx_auth_comp_id 
_struct_site.pdbx_auth_seq_id 
_struct_site.pdbx_auth_ins_code 
_struct_site.pdbx_num_residues 
_struct_site.details 
AC1 Software A BA  101 ? 1 'binding site for residue BA A 101'  
AC2 Software C RKP 101 ? 8 'binding site for residue RKP C 101' 
# 
loop_
_struct_site_gen.id 
_struct_site_gen.site_id 
_struct_site_gen.pdbx_num_res 
_struct_site_gen.label_comp_id 
_struct_site_gen.label_asym_id 
_struct_site_gen.label_seq_id 
_struct_site_gen.pdbx_auth_ins_code 
_struct_site_gen.auth_comp_id 
_struct_site_gen.auth_asym_id 
_struct_site_gen.auth_seq_id 
_struct_site_gen.label_atom_id 
_struct_site_gen.label_alt_id 
_struct_site_gen.symmetry 
_struct_site_gen.details 
1 AC1 1 DG  A 1 ? DG  A 1   . ? 1_555  ? 
2 AC2 8 DC  A 3 ? DC  A 3   . ? 1_555  ? 
3 AC2 8 DG  A 4 ? DG  A 4   . ? 1_555  ? 
4 AC2 8 5BT B 1 ? 5BT C 1   . ? 1_555  ? 
5 AC2 8 5BT B 1 ? 5BT C 1   . ? 4_655  ? 
6 AC2 8 DG  B 2 ? DG  C 2   . ? 1_555  ? 
7 AC2 8 DG  B 3 ? DG  C 3   . ? 11_654 ? 
8 AC2 8 HOH F . ? HOH C 214 . ? 1_555  ? 
9 AC2 8 HOH F . ? HOH C 219 . ? 1_555  ? 
# 
loop_
_pdbx_validate_symm_contact.id 
_pdbx_validate_symm_contact.PDB_model_num 
_pdbx_validate_symm_contact.auth_atom_id_1 
_pdbx_validate_symm_contact.auth_asym_id_1 
_pdbx_validate_symm_contact.auth_comp_id_1 
_pdbx_validate_symm_contact.auth_seq_id_1 
_pdbx_validate_symm_contact.PDB_ins_code_1 
_pdbx_validate_symm_contact.label_alt_id_1 
_pdbx_validate_symm_contact.site_symmetry_1 
_pdbx_validate_symm_contact.auth_atom_id_2 
_pdbx_validate_symm_contact.auth_asym_id_2 
_pdbx_validate_symm_contact.auth_comp_id_2 
_pdbx_validate_symm_contact.auth_seq_id_2 
_pdbx_validate_symm_contact.PDB_ins_code_2 
_pdbx_validate_symm_contact.label_alt_id_2 
_pdbx_validate_symm_contact.site_symmetry_2 
_pdbx_validate_symm_contact.dist 
1 1 O C HOH 213 ? ? 1_555 O C HOH 213 ? ? 8_554  0.40 
2 1 O C HOH 228 ? ? 1_555 O C HOH 228 ? ? 11_654 0.99 
3 1 O C HOH 221 ? ? 1_555 O C HOH 225 ? ? 11_654 2.10 
# 
loop_
_pdbx_distant_solvent_atoms.id 
_pdbx_distant_solvent_atoms.PDB_model_num 
_pdbx_distant_solvent_atoms.auth_atom_id 
_pdbx_distant_solvent_atoms.label_alt_id 
_pdbx_distant_solvent_atoms.auth_asym_id 
_pdbx_distant_solvent_atoms.auth_comp_id 
_pdbx_distant_solvent_atoms.auth_seq_id 
_pdbx_distant_solvent_atoms.PDB_ins_code 
_pdbx_distant_solvent_atoms.neighbor_macromolecule_distance 
_pdbx_distant_solvent_atoms.neighbor_ligand_distance 
1 1 O ? A HOH 233 ? 6.09 .    
2 1 O ? C HOH 229 ? .    6.54 
# 
loop_
_chem_comp_atom.comp_id 
_chem_comp_atom.atom_id 
_chem_comp_atom.type_symbol 
_chem_comp_atom.pdbx_aromatic_flag 
_chem_comp_atom.pdbx_stereo_config 
_chem_comp_atom.pdbx_ordinal 
5BT N1     N  N N 1   
5BT C2     C  N N 2   
5BT O2     O  N N 3   
5BT N3     N  N N 4   
5BT C4     C  N N 5   
5BT N4     N  N N 6   
5BT C5     C  N N 7   
5BT BR5    BR N N 8   
5BT C6     C  N N 9   
5BT "C1'"  C  N R 10  
5BT "C2'"  C  N N 11  
5BT "C3'"  C  N S 12  
5BT "O3'"  O  N N 13  
5BT "C4'"  C  N R 14  
5BT "O4'"  O  N N 15  
5BT "C5'"  C  N N 16  
5BT "O5'"  O  N N 17  
5BT HN4    H  N N 18  
5BT HN4A   H  N N 19  
5BT H6     H  N N 20  
5BT "H1'"  H  N N 21  
5BT "H2'"  H  N N 22  
5BT "H2'A" H  N N 23  
5BT "H3'"  H  N N 24  
5BT "HO3'" H  N N 25  
5BT "H4'"  H  N N 26  
5BT "H5'"  H  N N 27  
5BT "H5'A" H  N N 28  
5BT "HO5'" H  N N 29  
BA  BA     BA N N 30  
DC  OP3    O  N N 31  
DC  P      P  N N 32  
DC  OP1    O  N N 33  
DC  OP2    O  N N 34  
DC  "O5'"  O  N N 35  
DC  "C5'"  C  N N 36  
DC  "C4'"  C  N R 37  
DC  "O4'"  O  N N 38  
DC  "C3'"  C  N S 39  
DC  "O3'"  O  N N 40  
DC  "C2'"  C  N N 41  
DC  "C1'"  C  N R 42  
DC  N1     N  N N 43  
DC  C2     C  N N 44  
DC  O2     O  N N 45  
DC  N3     N  N N 46  
DC  C4     C  N N 47  
DC  N4     N  N N 48  
DC  C5     C  N N 49  
DC  C6     C  N N 50  
DC  HOP3   H  N N 51  
DC  HOP2   H  N N 52  
DC  "H5'"  H  N N 53  
DC  "H5''" H  N N 54  
DC  "H4'"  H  N N 55  
DC  "H3'"  H  N N 56  
DC  "HO3'" H  N N 57  
DC  "H2'"  H  N N 58  
DC  "H2''" H  N N 59  
DC  "H1'"  H  N N 60  
DC  H41    H  N N 61  
DC  H42    H  N N 62  
DC  H5     H  N N 63  
DC  H6     H  N N 64  
DG  OP3    O  N N 65  
DG  P      P  N N 66  
DG  OP1    O  N N 67  
DG  OP2    O  N N 68  
DG  "O5'"  O  N N 69  
DG  "C5'"  C  N N 70  
DG  "C4'"  C  N R 71  
DG  "O4'"  O  N N 72  
DG  "C3'"  C  N S 73  
DG  "O3'"  O  N N 74  
DG  "C2'"  C  N N 75  
DG  "C1'"  C  N R 76  
DG  N9     N  Y N 77  
DG  C8     C  Y N 78  
DG  N7     N  Y N 79  
DG  C5     C  Y N 80  
DG  C6     C  N N 81  
DG  O6     O  N N 82  
DG  N1     N  N N 83  
DG  C2     C  N N 84  
DG  N2     N  N N 85  
DG  N3     N  N N 86  
DG  C4     C  Y N 87  
DG  HOP3   H  N N 88  
DG  HOP2   H  N N 89  
DG  "H5'"  H  N N 90  
DG  "H5''" H  N N 91  
DG  "H4'"  H  N N 92  
DG  "H3'"  H  N N 93  
DG  "HO3'" H  N N 94  
DG  "H2'"  H  N N 95  
DG  "H2''" H  N N 96  
DG  "H1'"  H  N N 97  
DG  H8     H  N N 98  
DG  H1     H  N N 99  
DG  H21    H  N N 100 
DG  H22    H  N N 101 
HOH O      O  N N 102 
HOH H1     H  N N 103 
HOH H2     H  N N 104 
RKP RU     RU N N 105 
RKP C1     C  Y N 106 
RKP N1     N  Y N 107 
RKP C2     C  Y N 108 
RKP N2     N  Y N 109 
RKP C3     C  Y N 110 
RKP N3     N  Y N 111 
RKP C4     C  Y N 112 
RKP N4     N  Y N 113 
RKP C5     C  Y N 114 
RKP N5     N  Y N 115 
RKP C6     C  Y N 116 
RKP C7     C  Y N 117 
RKP C8     C  Y N 118 
RKP N8     N  Y N 119 
RKP C9     C  Y N 120 
RKP N9     N  Y N 121 
RKP C10    C  Y N 122 
RKP C11    C  Y N 123 
RKP C12    C  Y N 124 
RKP N12    N  Y N 125 
RKP C13    C  Y N 126 
RKP C14    C  Y N 127 
RKP C15    C  Y N 128 
RKP C16    C  Y N 129 
RKP C17    C  Y N 130 
RKP C18    C  Y N 131 
RKP C19    C  Y N 132 
RKP C20    C  Y N 133 
RKP C21    C  Y N 134 
RKP C22    C  Y N 135 
RKP C23    C  Y N 136 
RKP C24    C  Y N 137 
RKP C25    C  Y N 138 
RKP C26    C  Y N 139 
RKP C27    C  Y N 140 
RKP C28    C  Y N 141 
RKP C29    C  Y N 142 
RKP C30    C  Y N 143 
RKP C31    C  Y N 144 
RKP C32    C  Y N 145 
RKP C33    C  Y N 146 
RKP C34    C  Y N 147 
RKP C35    C  Y N 148 
RKP C36    C  Y N 149 
RKP C37    C  Y N 150 
RKP C38    C  Y N 151 
RKP C41    C  Y N 152 
RKP C42    C  Y N 153 
RKP C43    C  Y N 154 
RKP C44    C  Y N 155 
RKP H2     H  N N 156 
RKP H3     H  N N 157 
RKP H4     H  N N 158 
RKP H9     H  N N 159 
RKP H11    H  N N 160 
RKP H12    H  N N 161 
RKP H14    H  N N 162 
RKP H16    H  N N 163 
RKP H17    H  N N 164 
RKP H18    H  N N 165 
RKP H20    H  N N 166 
RKP H21    H  N N 167 
RKP H23    H  N N 168 
RKP H24    H  N N 169 
RKP H27    H  N N 170 
RKP H28    H  N N 171 
RKP H30    H  N N 172 
RKP H31    H  N N 173 
RKP H33    H  N N 174 
RKP H34    H  N N 175 
RKP H37    H  N N 176 
RKP H38    H  N N 177 
RKP H41    H  N N 178 
RKP H42    H  N N 179 
RKP H43    H  N N 180 
RKP H44    H  N N 181 
# 
loop_
_chem_comp_bond.comp_id 
_chem_comp_bond.atom_id_1 
_chem_comp_bond.atom_id_2 
_chem_comp_bond.value_order 
_chem_comp_bond.pdbx_aromatic_flag 
_chem_comp_bond.pdbx_stereo_config 
_chem_comp_bond.pdbx_ordinal 
5BT "C1'" N1     sing N N 1   
5BT N1    C6     sing N N 2   
5BT N1    C2     sing N N 3   
5BT O2    C2     doub N N 4   
5BT C2    N3     sing N N 5   
5BT N3    C4     doub N N 6   
5BT C5    C4     sing N N 7   
5BT C4    N4     sing N N 8   
5BT N4    HN4    sing N N 9   
5BT N4    HN4A   sing N N 10  
5BT C6    C5     doub N N 11  
5BT C5    BR5    sing N N 12  
5BT C6    H6     sing N N 13  
5BT "C2'" "C1'"  sing N N 14  
5BT "C1'" "O4'"  sing N N 15  
5BT "C1'" "H1'"  sing N N 16  
5BT "C2'" "C3'"  sing N N 17  
5BT "C2'" "H2'"  sing N N 18  
5BT "C2'" "H2'A" sing N N 19  
5BT "C3'" "O3'"  sing N N 20  
5BT "C3'" "C4'"  sing N N 21  
5BT "C3'" "H3'"  sing N N 22  
5BT "O3'" "HO3'" sing N N 23  
5BT "C5'" "C4'"  sing N N 24  
5BT "C4'" "O4'"  sing N N 25  
5BT "C4'" "H4'"  sing N N 26  
5BT "C5'" "O5'"  sing N N 27  
5BT "C5'" "H5'"  sing N N 28  
5BT "C5'" "H5'A" sing N N 29  
5BT "O5'" "HO5'" sing N N 30  
DC  OP3   P      sing N N 31  
DC  OP3   HOP3   sing N N 32  
DC  P     OP1    doub N N 33  
DC  P     OP2    sing N N 34  
DC  P     "O5'"  sing N N 35  
DC  OP2   HOP2   sing N N 36  
DC  "O5'" "C5'"  sing N N 37  
DC  "C5'" "C4'"  sing N N 38  
DC  "C5'" "H5'"  sing N N 39  
DC  "C5'" "H5''" sing N N 40  
DC  "C4'" "O4'"  sing N N 41  
DC  "C4'" "C3'"  sing N N 42  
DC  "C4'" "H4'"  sing N N 43  
DC  "O4'" "C1'"  sing N N 44  
DC  "C3'" "O3'"  sing N N 45  
DC  "C3'" "C2'"  sing N N 46  
DC  "C3'" "H3'"  sing N N 47  
DC  "O3'" "HO3'" sing N N 48  
DC  "C2'" "C1'"  sing N N 49  
DC  "C2'" "H2'"  sing N N 50  
DC  "C2'" "H2''" sing N N 51  
DC  "C1'" N1     sing N N 52  
DC  "C1'" "H1'"  sing N N 53  
DC  N1    C2     sing N N 54  
DC  N1    C6     sing N N 55  
DC  C2    O2     doub N N 56  
DC  C2    N3     sing N N 57  
DC  N3    C4     doub N N 58  
DC  C4    N4     sing N N 59  
DC  C4    C5     sing N N 60  
DC  N4    H41    sing N N 61  
DC  N4    H42    sing N N 62  
DC  C5    C6     doub N N 63  
DC  C5    H5     sing N N 64  
DC  C6    H6     sing N N 65  
DG  OP3   P      sing N N 66  
DG  OP3   HOP3   sing N N 67  
DG  P     OP1    doub N N 68  
DG  P     OP2    sing N N 69  
DG  P     "O5'"  sing N N 70  
DG  OP2   HOP2   sing N N 71  
DG  "O5'" "C5'"  sing N N 72  
DG  "C5'" "C4'"  sing N N 73  
DG  "C5'" "H5'"  sing N N 74  
DG  "C5'" "H5''" sing N N 75  
DG  "C4'" "O4'"  sing N N 76  
DG  "C4'" "C3'"  sing N N 77  
DG  "C4'" "H4'"  sing N N 78  
DG  "O4'" "C1'"  sing N N 79  
DG  "C3'" "O3'"  sing N N 80  
DG  "C3'" "C2'"  sing N N 81  
DG  "C3'" "H3'"  sing N N 82  
DG  "O3'" "HO3'" sing N N 83  
DG  "C2'" "C1'"  sing N N 84  
DG  "C2'" "H2'"  sing N N 85  
DG  "C2'" "H2''" sing N N 86  
DG  "C1'" N9     sing N N 87  
DG  "C1'" "H1'"  sing N N 88  
DG  N9    C8     sing Y N 89  
DG  N9    C4     sing Y N 90  
DG  C8    N7     doub Y N 91  
DG  C8    H8     sing N N 92  
DG  N7    C5     sing Y N 93  
DG  C5    C6     sing N N 94  
DG  C5    C4     doub Y N 95  
DG  C6    O6     doub N N 96  
DG  C6    N1     sing N N 97  
DG  N1    C2     sing N N 98  
DG  N1    H1     sing N N 99  
DG  C2    N2     sing N N 100 
DG  C2    N3     doub N N 101 
DG  N2    H21    sing N N 102 
DG  N2    H22    sing N N 103 
DG  N3    C4     sing N N 104 
HOH O     H1     sing N N 105 
HOH O     H2     sing N N 106 
RKP C1    N2     sing Y N 107 
RKP C1    C5     doub Y N 108 
RKP C1    C10    sing Y N 109 
RKP N1    C10    sing Y N 110 
RKP N1    C12    doub Y N 111 
RKP C2    N2     doub Y N 112 
RKP C2    C3     sing Y N 113 
RKP C3    C4     doub Y N 114 
RKP N3    C6     sing Y N 115 
RKP N3    C15    doub Y N 116 
RKP C4    C5     sing Y N 117 
RKP N4    C7     sing Y N 118 
RKP N4    C13    doub Y N 119 
RKP C5    C6     sing Y N 120 
RKP N5    C19    sing Y N 121 
RKP N5    C20    doub Y N 122 
RKP C6    C7     doub Y N 123 
RKP C7    C8     sing Y N 124 
RKP C8    C9     sing Y N 125 
RKP C8    C10    doub Y N 126 
RKP N8    C26    sing Y N 127 
RKP N8    C28    doub Y N 128 
RKP C9    C11    doub Y N 129 
RKP N9    C29    sing Y N 130 
RKP N9    C30    doub Y N 131 
RKP C11   C12    sing Y N 132 
RKP N12   C36    sing Y N 133 
RKP N12   C38    doub Y N 134 
RKP C13   C14    sing Y N 135 
RKP C13   C15    sing Y N 136 
RKP C14   C18    doub Y N 137 
RKP C15   C16    sing Y N 138 
RKP C16   C17    doub Y N 139 
RKP C17   C18    sing Y N 140 
RKP C19   C22    doub Y N 141 
RKP C19   C26    sing Y N 142 
RKP C20   C21    sing Y N 143 
RKP C21   C41    doub Y N 144 
RKP C22   C23    sing Y N 145 
RKP C22   C41    sing Y N 146 
RKP C23   C24    doub Y N 147 
RKP C24   C25    sing Y N 148 
RKP C25   C26    doub Y N 149 
RKP C25   C42    sing Y N 150 
RKP C27   C28    sing Y N 151 
RKP C27   C42    doub Y N 152 
RKP C29   C32    doub Y N 153 
RKP C29   C36    sing Y N 154 
RKP C30   C31    sing Y N 155 
RKP C31   C43    doub Y N 156 
RKP C32   C33    sing Y N 157 
RKP C32   C43    sing Y N 158 
RKP C33   C34    doub Y N 159 
RKP C34   C35    sing Y N 160 
RKP C35   C36    doub Y N 161 
RKP C35   C44    sing Y N 162 
RKP C37   C38    sing Y N 163 
RKP C37   C44    doub Y N 164 
RKP C2    H2     sing N N 165 
RKP C3    H3     sing N N 166 
RKP C4    H4     sing N N 167 
RKP C9    H9     sing N N 168 
RKP C11   H11    sing N N 169 
RKP C12   H12    sing N N 170 
RKP C14   H14    sing N N 171 
RKP C16   H16    sing N N 172 
RKP C17   H17    sing N N 173 
RKP C18   H18    sing N N 174 
RKP C20   H20    sing N N 175 
RKP C21   H21    sing N N 176 
RKP C23   H23    sing N N 177 
RKP C24   H24    sing N N 178 
RKP C27   H27    sing N N 179 
RKP C28   H28    sing N N 180 
RKP C30   H30    sing N N 181 
RKP C31   H31    sing N N 182 
RKP C33   H33    sing N N 183 
RKP C34   H34    sing N N 184 
RKP C37   H37    sing N N 185 
RKP C38   H38    sing N N 186 
RKP C41   H41    sing N N 187 
RKP C42   H42    sing N N 188 
RKP C43   H43    sing N N 189 
RKP C44   H44    sing N N 190 
RKP RU    N1     sing N N 191 
RKP RU    N2     sing N N 192 
RKP RU    N5     sing N N 193 
RKP RU    N8     sing N N 194 
RKP RU    N9     sing N N 195 
RKP RU    N12    sing N N 196 
# 
_ndb_struct_conf_na.entry_id   5LFW 
_ndb_struct_conf_na.feature    'b-form double helix' 
# 
loop_
_ndb_struct_na_base_pair.model_number 
_ndb_struct_na_base_pair.i_label_asym_id 
_ndb_struct_na_base_pair.i_label_comp_id 
_ndb_struct_na_base_pair.i_label_seq_id 
_ndb_struct_na_base_pair.i_symmetry 
_ndb_struct_na_base_pair.j_label_asym_id 
_ndb_struct_na_base_pair.j_label_comp_id 
_ndb_struct_na_base_pair.j_label_seq_id 
_ndb_struct_na_base_pair.j_symmetry 
_ndb_struct_na_base_pair.shear 
_ndb_struct_na_base_pair.stretch 
_ndb_struct_na_base_pair.stagger 
_ndb_struct_na_base_pair.buckle 
_ndb_struct_na_base_pair.propeller 
_ndb_struct_na_base_pair.opening 
_ndb_struct_na_base_pair.pair_number 
_ndb_struct_na_base_pair.pair_name 
_ndb_struct_na_base_pair.i_auth_asym_id 
_ndb_struct_na_base_pair.i_auth_seq_id 
_ndb_struct_na_base_pair.i_PDB_ins_code 
_ndb_struct_na_base_pair.j_auth_asym_id 
_ndb_struct_na_base_pair.j_auth_seq_id 
_ndb_struct_na_base_pair.j_PDB_ins_code 
_ndb_struct_na_base_pair.hbond_type_28 
_ndb_struct_na_base_pair.hbond_type_12 
1 A DG 1 1_555 B DC 4 1_555 -0.380 -0.125 0.153  1.968  -4.198 0.458  1 A_DG1:DC4_C A 1 ? C 4 ? 19 1 
1 A DC 2 1_555 B DG 3 1_555 0.192  -0.089 0.294  -2.394 -2.473 -2.773 2 A_DC2:DG3_C A 2 ? C 3 ? 19 1 
1 A DC 3 1_555 B DG 2 1_555 0.350  -0.167 -0.006 13.475 7.275  -0.924 3 A_DC3:DG2_C A 3 ? C 2 ? 19 1 
# 
loop_
_ndb_struct_na_base_pair_step.model_number 
_ndb_struct_na_base_pair_step.i_label_asym_id_1 
_ndb_struct_na_base_pair_step.i_label_comp_id_1 
_ndb_struct_na_base_pair_step.i_label_seq_id_1 
_ndb_struct_na_base_pair_step.i_symmetry_1 
_ndb_struct_na_base_pair_step.j_label_asym_id_1 
_ndb_struct_na_base_pair_step.j_label_comp_id_1 
_ndb_struct_na_base_pair_step.j_label_seq_id_1 
_ndb_struct_na_base_pair_step.j_symmetry_1 
_ndb_struct_na_base_pair_step.i_label_asym_id_2 
_ndb_struct_na_base_pair_step.i_label_comp_id_2 
_ndb_struct_na_base_pair_step.i_label_seq_id_2 
_ndb_struct_na_base_pair_step.i_symmetry_2 
_ndb_struct_na_base_pair_step.j_label_asym_id_2 
_ndb_struct_na_base_pair_step.j_label_comp_id_2 
_ndb_struct_na_base_pair_step.j_label_seq_id_2 
_ndb_struct_na_base_pair_step.j_symmetry_2 
_ndb_struct_na_base_pair_step.shift 
_ndb_struct_na_base_pair_step.slide 
_ndb_struct_na_base_pair_step.rise 
_ndb_struct_na_base_pair_step.tilt 
_ndb_struct_na_base_pair_step.roll 
_ndb_struct_na_base_pair_step.twist 
_ndb_struct_na_base_pair_step.x_displacement 
_ndb_struct_na_base_pair_step.y_displacement 
_ndb_struct_na_base_pair_step.helical_rise 
_ndb_struct_na_base_pair_step.inclination 
_ndb_struct_na_base_pair_step.tip 
_ndb_struct_na_base_pair_step.helical_twist 
_ndb_struct_na_base_pair_step.step_number 
_ndb_struct_na_base_pair_step.step_name 
_ndb_struct_na_base_pair_step.i_auth_asym_id_1 
_ndb_struct_na_base_pair_step.i_auth_seq_id_1 
_ndb_struct_na_base_pair_step.i_PDB_ins_code_1 
_ndb_struct_na_base_pair_step.j_auth_asym_id_1 
_ndb_struct_na_base_pair_step.j_auth_seq_id_1 
_ndb_struct_na_base_pair_step.j_PDB_ins_code_1 
_ndb_struct_na_base_pair_step.i_auth_asym_id_2 
_ndb_struct_na_base_pair_step.i_auth_seq_id_2 
_ndb_struct_na_base_pair_step.i_PDB_ins_code_2 
_ndb_struct_na_base_pair_step.j_auth_asym_id_2 
_ndb_struct_na_base_pair_step.j_auth_seq_id_2 
_ndb_struct_na_base_pair_step.j_PDB_ins_code_2 
1 A DG 1 1_555 B DC 4 1_555 A DC 2 1_555 B DG 3 1_555 -0.791 -0.258 3.458 -1.585 -1.065 36.982 -0.254 1.019  3.493 -1.678 2.497  
37.030 1 AA_DG1DC2:DG3DC4_CC A 1 ? C 4 ? A 2 ? C 3 ? 
1 A DC 2 1_555 B DG 3 1_555 A DC 3 1_555 B DG 2 1_555 1.537  1.466  3.089 4.863  2.274  30.347 2.317  -1.947 3.387 4.301  -9.198 
30.807 2 AA_DC2DC3:DG2DG3_CC A 2 ? C 3 ? A 3 ? C 2 ? 
# 
loop_
_pdbx_audit_support.funding_organization 
_pdbx_audit_support.country 
_pdbx_audit_support.grant_number 
_pdbx_audit_support.ordinal 
'Biotechnology and Biological Sciences Research Council' 'United Kingdom' BB/K019279/1 1 
'Biotechnology and Biological Sciences Research Council' 'United Kingdom' BB/M004635/1 2 
# 
_atom_sites.entry_id                    5LFW 
_atom_sites.fract_transf_matrix[1][1]   -0.00958048 
_atom_sites.fract_transf_matrix[1][2]   -0.01263057 
_atom_sites.fract_transf_matrix[1][3]   -0.00653598 
_atom_sites.fract_transf_matrix[2][1]   0.00263795 
_atom_sites.fract_transf_matrix[2][2]   -0.01620315 
_atom_sites.fract_transf_matrix[2][3]   0.00495165 
_atom_sites.fract_transf_matrix[3][1]   -0.01848362 
_atom_sites.fract_transf_matrix[3][2]   0.00331359 
_atom_sites.fract_transf_matrix[3][3]   0.02068998 
_atom_sites.fract_transf_vector[1]      0.390188 
_atom_sites.fract_transf_vector[2]      -0.139340 
_atom_sites.fract_transf_vector[3]      -0.308565 
# 
loop_
_atom_type.symbol 
BA 
BR 
C  
H  
N  
O  
P  
RU 
# 
loop_
_atom_site.group_PDB 
_atom_site.id 
_atom_site.type_symbol 
_atom_site.label_atom_id 
_atom_site.label_alt_id 
_atom_site.label_comp_id 
_atom_site.label_asym_id 
_atom_site.label_entity_id 
_atom_site.label_seq_id 
_atom_site.pdbx_PDB_ins_code 
_atom_site.Cartn_x 
_atom_site.Cartn_y 
_atom_site.Cartn_z 
_atom_site.occupancy 
_atom_site.B_iso_or_equiv 
_atom_site.pdbx_formal_charge 
_atom_site.auth_seq_id 
_atom_site.auth_comp_id 
_atom_site.auth_asym_id 
_atom_site.auth_atom_id 
_atom_site.pdbx_PDB_model_num 
ATOM   1   O  "O5'"  . DG  A 1 1 ? -0.320  10.124  7.960   1.00 26.97 ? 1   DG  A "O5'"  1 
ATOM   2   C  "C5'"  . DG  A 1 1 ? -1.171  8.968   8.046   1.00 24.82 ? 1   DG  A "C5'"  1 
ATOM   3   C  "C4'"  . DG  A 1 1 ? -1.969  8.822   6.773   1.00 22.82 ? 1   DG  A "C4'"  1 
ATOM   4   O  "O4'"  . DG  A 1 1 ? -1.073  8.643   5.652   1.00 22.49 ? 1   DG  A "O4'"  1 
ATOM   5   C  "C3'"  . DG  A 1 1 ? -2.893  7.613   6.723   1.00 23.68 ? 1   DG  A "C3'"  1 
ATOM   6   O  "O3'"  . DG  A 1 1 ? -3.938  7.951   5.805   1.00 25.61 ? 1   DG  A "O3'"  1 
ATOM   7   C  "C2'"  . DG  A 1 1 ? -1.964  6.527   6.215   1.00 23.97 ? 1   DG  A "C2'"  1 
ATOM   8   C  "C1'"  . DG  A 1 1 ? -1.119  7.289   5.199   1.00 21.92 ? 1   DG  A "C1'"  1 
ATOM   9   N  N9     . DG  A 1 1 ? 0.260   6.841   5.029   1.00 21.00 ? 1   DG  A N9     1 
ATOM   10  C  C8     . DG  A 1 1 ? 1.178   6.589   6.021   1.00 21.38 ? 1   DG  A C8     1 
ATOM   11  N  N7     . DG  A 1 1 ? 2.353   6.259   5.558   1.00 22.21 ? 1   DG  A N7     1 
ATOM   12  C  C5     . DG  A 1 1 ? 2.212   6.327   4.179   1.00 20.02 ? 1   DG  A C5     1 
ATOM   13  C  C6     . DG  A 1 1 ? 3.153   6.073   3.144   1.00 19.81 ? 1   DG  A C6     1 
ATOM   14  O  O6     . DG  A 1 1 ? 4.341   5.743   3.245   1.00 19.84 ? 1   DG  A O6     1 
ATOM   15  N  N1     . DG  A 1 1 ? 2.590   6.248   1.885   1.00 18.42 ? 1   DG  A N1     1 
ATOM   16  C  C2     . DG  A 1 1 ? 1.290   6.629   1.649   1.00 19.07 ? 1   DG  A C2     1 
ATOM   17  N  N2     . DG  A 1 1 ? 0.932   6.749   0.362   1.00 19.08 ? 1   DG  A N2     1 
ATOM   18  N  N3     . DG  A 1 1 ? 0.404   6.866   2.604   1.00 20.26 ? 1   DG  A N3     1 
ATOM   19  C  C4     . DG  A 1 1 ? 0.929   6.695   3.835   1.00 20.13 ? 1   DG  A C4     1 
ATOM   20  H  "H5'"  . DG  A 1 1 ? -1.849  9.070   8.897   1.00 24.94 ? 1   DG  A "H5'"  1 
ATOM   21  H  "H5''" . DG  A 1 1 ? -0.561  8.078   8.200   1.00 25.62 ? 1   DG  A "H5''" 1 
ATOM   22  H  "H4'"  . DG  A 1 1 ? -2.565  9.734   6.630   1.00 23.49 ? 1   DG  A "H4'"  1 
ATOM   23  H  "H3'"  . DG  A 1 1 ? -3.269  7.377   7.729   1.00 23.78 ? 1   DG  A "H3'"  1 
ATOM   24  H  "H2'"  . DG  A 1 1 ? -1.357  6.136   7.033   1.00 24.85 ? 1   DG  A "H2'"  1 
ATOM   25  H  "H2''" . DG  A 1 1 ? -2.511  5.710   5.748   1.00 23.38 ? 1   DG  A "H2''" 1 
ATOM   26  H  "H1'"  . DG  A 1 1 ? -1.648  7.246   4.238   1.00 21.81 ? 1   DG  A "H1'"  1 
ATOM   27  H  H8     . DG  A 1 1 ? 0.949   6.641   7.077   1.00 21.34 ? 1   DG  A H8     1 
ATOM   28  H  H1     . DG  A 1 1 ? 3.214   6.087   1.075   1.00 18.26 ? 1   DG  A H1     1 
ATOM   29  H  H21    . DG  A 1 1 ? 1.588   6.575   -0.380  1.00 18.66 ? 1   DG  A H21    1 
ATOM   30  H  H22    . DG  A 1 1 ? -0.012  7.025   0.132   1.00 19.45 ? 1   DG  A H22    1 
ATOM   31  H  "HO5'" . DG  A 1 1 ? 0.490   10.099  7.402   1.00 26.32 ? 1   DG  A "HO5'" 1 
ATOM   32  P  P      . DC  A 1 2 ? -5.157  6.961   5.542   1.00 30.35 ? 2   DC  A P      1 
ATOM   33  O  OP1    . DC  A 1 2 ? -6.389  7.783   5.428   1.00 30.33 ? 2   DC  A OP1    1 
ATOM   34  O  OP2    . DC  A 1 2 ? -5.088  5.875   6.545   1.00 33.03 ? 2   DC  A OP2    1 
ATOM   35  O  "O5'"  . DC  A 1 2 ? -4.820  6.377   4.098   1.00 24.66 ? 2   DC  A "O5'"  1 
ATOM   36  C  "C5'"  . DC  A 1 2 ? -4.823  7.247   2.953   1.00 21.48 ? 2   DC  A "C5'"  1 
ATOM   37  C  "C4'"  . DC  A 1 2 ? -4.608  6.462   1.681   1.00 18.97 ? 2   DC  A "C4'"  1 
ATOM   38  O  "O4'"  . DC  A 1 2 ? -3.245  5.985   1.622   1.00 18.08 ? 2   DC  A "O4'"  1 
ATOM   39  C  "C3'"  . DC  A 1 2 ? -5.499  5.229   1.521   1.00 18.83 ? 2   DC  A "C3'"  1 
ATOM   40  O  "O3'"  . DC  A 1 2 ? -6.023  5.234   0.189   1.00 19.52 ? 2   DC  A "O3'"  1 
ATOM   41  C  "C2'"  . DC  A 1 2 ? -4.566  4.062   1.810   1.00 17.42 ? 2   DC  A "C2'"  1 
ATOM   42  C  "C1'"  . DC  A 1 2 ? -3.218  4.588   1.344   1.00 17.03 ? 2   DC  A "C1'"  1 
ATOM   43  N  N1     . DC  A 1 2 ? -2.017  4.051   2.006   1.00 17.25 ? 2   DC  A N1     1 
ATOM   44  C  C2     . DC  A 1 2 ? -0.897  3.711   1.233   1.00 16.34 ? 2   DC  A C2     1 
ATOM   45  O  O2     . DC  A 1 2 ? -0.987  3.740   -0.004  1.00 15.96 ? 2   DC  A O2     1 
ATOM   46  N  N3     . DC  A 1 2 ? 0.246   3.342   1.854   1.00 16.08 ? 2   DC  A N3     1 
ATOM   47  C  C4     . DC  A 1 2 ? 0.306   3.328   3.188   1.00 15.81 ? 2   DC  A C4     1 
ATOM   48  N  N4     . DC  A 1 2 ? 1.451   2.955   3.760   1.00 16.68 ? 2   DC  A N4     1 
ATOM   49  C  C5     . DC  A 1 2 ? -0.808  3.698   3.997   1.00 17.47 ? 2   DC  A C5     1 
ATOM   50  C  C6     . DC  A 1 2 ? -1.930  4.072   3.371   1.00 17.24 ? 2   DC  A C6     1 
ATOM   51  H  "H5'"  . DC  A 1 2 ? -4.023  7.980   3.062   1.00 21.20 ? 2   DC  A "H5'"  1 
ATOM   52  H  "H5''" . DC  A 1 2 ? -5.771  7.785   2.888   1.00 22.05 ? 2   DC  A "H5''" 1 
ATOM   53  H  "H4'"  . DC  A 1 2 ? -4.788  7.139   0.834   1.00 19.59 ? 2   DC  A "H4'"  1 
ATOM   54  H  "H3'"  . DC  A 1 2 ? -6.298  5.258   2.273   1.00 19.14 ? 2   DC  A "H3'"  1 
ATOM   55  H  "H2'"  . DC  A 1 2 ? -4.589  3.815   2.870   1.00 17.96 ? 2   DC  A "H2'"  1 
ATOM   56  H  "H2''" . DC  A 1 2 ? -4.858  3.184   1.236   1.00 17.03 ? 2   DC  A "H2''" 1 
ATOM   57  H  "H1'"  . DC  A 1 2 ? -3.182  4.445   0.257   1.00 16.88 ? 2   DC  A "H1'"  1 
ATOM   58  H  H41    . DC  A 1 2 ? 2.235   2.668   3.194   1.00 16.29 ? 2   DC  A H41    1 
ATOM   59  H  H42    . DC  A 1 2 ? 1.522   2.920   4.767   1.00 15.91 ? 2   DC  A H42    1 
ATOM   60  H  H5     . DC  A 1 2 ? -0.744  3.692   5.078   1.00 16.75 ? 2   DC  A H5     1 
ATOM   61  H  H6     . DC  A 1 2 ? -2.778  4.382   3.963   1.00 17.49 ? 2   DC  A H6     1 
ATOM   62  P  P      . DC  A 1 3 ? -7.373  4.472   -0.172  1.00 21.90 ? 3   DC  A P      1 
ATOM   63  O  OP1    . DC  A 1 3 ? -7.892  5.060   -1.426  1.00 24.03 ? 3   DC  A OP1    1 
ATOM   64  O  OP2    . DC  A 1 3 ? -8.235  4.416   1.038   1.00 23.62 ? 3   DC  A OP2    1 
ATOM   65  O  "O5'"  . DC  A 1 3 ? -6.870  2.997   -0.477  1.00 19.92 ? 3   DC  A "O5'"  1 
ATOM   66  C  "C5'"  . DC  A 1 3 ? -6.079  2.725   -1.648  1.00 18.14 ? 3   DC  A "C5'"  1 
ATOM   67  C  "C4'"  . DC  A 1 3 ? -5.499  1.339   -1.530  1.00 16.61 ? 3   DC  A "C4'"  1 
ATOM   68  O  "O4'"  . DC  A 1 3 ? -4.471  1.348   -0.510  1.00 16.28 ? 3   DC  A "O4'"  1 
ATOM   69  C  "C3'"  . DC  A 1 3 ? -6.519  0.278   -1.095  1.00 17.77 ? 3   DC  A "C3'"  1 
ATOM   70  O  "O3'"  . DC  A 1 3 ? -6.417  -0.894  -1.906  1.00 18.26 ? 3   DC  A "O3'"  1 
ATOM   71  C  "C2'"  . DC  A 1 3 ? -6.127  -0.029  0.338   1.00 18.02 ? 3   DC  A "C2'"  1 
ATOM   72  C  "C1'"  . DC  A 1 3 ? -4.631  0.169   0.254   1.00 17.15 ? 3   DC  A "C1'"  1 
ATOM   73  N  N1     . DC  A 1 3 ? -3.859  0.304   1.506   1.00 17.69 ? 3   DC  A N1     1 
ATOM   74  C  C2     . DC  A 1 3 ? -2.468  0.170   1.438   1.00 17.05 ? 3   DC  A C2     1 
ATOM   75  O  O2     . DC  A 1 3 ? -1.936  -0.008  0.333   1.00 16.45 ? 3   DC  A O2     1 
ATOM   76  N  N3     . DC  A 1 3 ? -1.737  0.259   2.575   1.00 16.63 ? 3   DC  A N3     1 
ATOM   77  C  C4     . DC  A 1 3 ? -2.348  0.445   3.747   1.00 17.23 ? 3   DC  A C4     1 
ATOM   78  N  N4     . DC  A 1 3 ? -1.588  0.517   4.842   1.00 18.49 ? 3   DC  A N4     1 
ATOM   79  C  C5     . DC  A 1 3 ? -3.764  0.578   3.846   1.00 19.82 ? 3   DC  A C5     1 
ATOM   80  C  C6     . DC  A 1 3 ? -4.474  0.494   2.713   1.00 18.94 ? 3   DC  A C6     1 
ATOM   81  H  "H5'"  . DC  A 1 3 ? -5.275  3.459   -1.727  1.00 18.13 ? 3   DC  A "H5'"  1 
ATOM   82  H  "H5''" . DC  A 1 3 ? -6.701  2.795   -2.542  1.00 18.11 ? 3   DC  A "H5''" 1 
ATOM   83  H  "H4'"  . DC  A 1 3 ? -5.063  1.044   -2.490  1.00 16.85 ? 3   DC  A "H4'"  1 
ATOM   84  H  "H3'"  . DC  A 1 3 ? -7.539  0.686   -1.115  1.00 17.65 ? 3   DC  A "H3'"  1 
ATOM   85  H  "H2'"  . DC  A 1 3 ? -6.620  0.685   0.997   1.00 18.13 ? 3   DC  A "H2'"  1 
ATOM   86  H  "H2''" . DC  A 1 3 ? -6.387  -1.052  0.618   1.00 18.29 ? 3   DC  A "H2''" 1 
ATOM   87  H  "H1'"  . DC  A 1 3 ? -4.238  -0.666  -0.328  1.00 17.55 ? 3   DC  A "H1'"  1 
ATOM   88  H  H41    . DC  A 1 3 ? -0.586  0.437   4.775   1.00 18.39 ? 3   DC  A H41    1 
ATOM   89  H  H42    . DC  A 1 3 ? -2.019  0.671   5.742   1.00 18.04 ? 3   DC  A H42    1 
ATOM   90  H  H5     . DC  A 1 3 ? -4.248  0.731   4.802   1.00 19.17 ? 3   DC  A H5     1 
ATOM   91  H  H6     . DC  A 1 3 ? -5.547  0.582   2.798   1.00 19.15 ? 3   DC  A H6     1 
ATOM   92  P  P      . DG  A 1 4 ? -7.325  -1.049  -3.213  1.00 19.51 ? 4   DG  A P      1 
ATOM   93  O  OP1    . DG  A 1 4 ? -6.738  -0.219  -4.290  1.00 23.09 ? 4   DG  A OP1    1 
ATOM   94  O  OP2    . DG  A 1 4 ? -8.740  -0.829  -2.820  1.00 20.96 ? 4   DG  A OP2    1 
ATOM   95  O  "O5'"  . DG  A 1 4 ? -7.109  -2.578  -3.593  1.00 18.52 ? 4   DG  A "O5'"  1 
ATOM   96  C  "C5'"  . DG  A 1 4 ? -7.899  -3.604  -2.978  1.00 17.98 ? 4   DG  A "C5'"  1 
ATOM   97  C  "C4'"  . DG  A 1 4 ? -7.457  -4.955  -3.484  1.00 17.86 ? 4   DG  A "C4'"  1 
ATOM   98  O  "O4'"  . DG  A 1 4 ? -6.213  -5.324  -2.849  1.00 16.81 ? 4   DG  A "O4'"  1 
ATOM   99  C  "C3'"  . DG  A 1 4 ? -8.435  -6.087  -3.184  1.00 19.55 ? 4   DG  A "C3'"  1 
ATOM   100 O  "O3'"  . DG  A 1 4 ? -9.297  -6.287  -4.307  1.00 22.06 ? 4   DG  A "O3'"  1 
ATOM   101 C  "C2'"  . DG  A 1 4 ? -7.530  -7.278  -2.926  1.00 19.46 ? 4   DG  A "C2'"  1 
ATOM   102 C  "C1'"  . DG  A 1 4 ? -6.278  -6.649  -2.331  1.00 18.07 ? 4   DG  A "C1'"  1 
ATOM   103 N  N9     . DG  A 1 4 ? -6.237  -6.558  -0.874  1.00 18.60 ? 4   DG  A N9     1 
ATOM   104 C  C8     . DG  A 1 4 ? -7.297  -6.367  -0.019  1.00 20.32 ? 4   DG  A C8     1 
ATOM   105 N  N7     . DG  A 1 4 ? -6.936  -6.269  1.231   1.00 21.33 ? 4   DG  A N7     1 
ATOM   106 C  C5     . DG  A 1 4 ? -5.554  -6.398  1.201   1.00 19.07 ? 4   DG  A C5     1 
ATOM   107 C  C6     . DG  A 1 4 ? -4.602  -6.355  2.255   1.00 18.81 ? 4   DG  A C6     1 
ATOM   108 O  O6     . DG  A 1 4 ? -4.799  -6.215  3.469   1.00 21.28 ? 4   DG  A O6     1 
ATOM   109 N  N1     . DG  A 1 4 ? -3.305  -6.520  1.780   1.00 17.65 ? 4   DG  A N1     1 
ATOM   110 C  C2     . DG  A 1 4 ? -2.964  -6.699  0.462   1.00 17.48 ? 4   DG  A C2     1 
ATOM   111 N  N2     . DG  A 1 4 ? -1.656  -6.830  0.203   1.00 17.14 ? 4   DG  A N2     1 
ATOM   112 N  N3     . DG  A 1 4 ? -3.840  -6.730  -0.531  1.00 16.89 ? 4   DG  A N3     1 
ATOM   113 C  C4     . DG  A 1 4 ? -5.107  -6.569  -0.093  1.00 18.07 ? 4   DG  A C4     1 
ATOM   114 H  "H5'"  . DG  A 1 4 ? -8.955  -3.454  -3.213  1.00 17.52 ? 4   DG  A "H5'"  1 
ATOM   115 H  "H5''" . DG  A 1 4 ? -7.780  -3.560  -1.893  1.00 19.06 ? 4   DG  A "H5''" 1 
ATOM   116 H  "H4'"  . DG  A 1 4 ? -7.319  -4.895  -4.571  1.00 18.35 ? 4   DG  A "H4'"  1 
ATOM   117 H  "H3'"  . DG  A 1 4 ? -9.026  -5.841  -2.295  1.00 19.57 ? 4   DG  A "H3'"  1 
ATOM   118 H  "HO3'" . DG  A 1 4 ? -9.947  -7.026  -4.282  0.00 23.61 ? 4   DG  A "HO3'" 1 
ATOM   119 H  "H2'"  . DG  A 1 4 ? -7.993  -7.979  -2.228  1.00 19.58 ? 4   DG  A "H2'"  1 
ATOM   120 H  "H2''" . DG  A 1 4 ? -7.296  -7.796  -3.858  1.00 19.74 ? 4   DG  A "H2''" 1 
ATOM   121 H  "H1'"  . DG  A 1 4 ? -5.407  -7.212  -2.692  1.00 17.78 ? 4   DG  A "H1'"  1 
ATOM   122 H  H8     . DG  A 1 4 ? -8.329  -6.303  -0.331  1.00 20.55 ? 4   DG  A H8     1 
ATOM   123 H  H1     . DG  A 1 4 ? -2.550  -6.522  2.488   1.00 17.85 ? 4   DG  A H1     1 
ATOM   124 H  H21    . DG  A 1 4 ? -0.977  -6.817  0.943   1.00 16.94 ? 4   DG  A H21    1 
ATOM   125 H  H22    . DG  A 1 4 ? -1.344  -6.959  -0.731  1.00 16.62 ? 4   DG  A H22    1 
HETATM 126 N  N1     . 5BT B 2 1 ? 1.197   -6.623  4.221   1.00 17.73 ? 1   5BT C N1     1 
HETATM 127 C  C2     . 5BT B 2 1 ? 0.123   -6.607  3.308   1.00 17.21 ? 1   5BT C C2     1 
HETATM 128 O  O2     . 5BT B 2 1 ? 0.355   -6.723  2.083   1.00 17.78 ? 1   5BT C O2     1 
HETATM 129 N  N3     . 5BT B 2 1 ? -1.156  -6.456  3.740   1.00 18.43 ? 1   5BT C N3     1 
HETATM 130 C  C4     . 5BT B 2 1 ? -1.440  -6.318  5.057   1.00 19.67 ? 1   5BT C C4     1 
HETATM 131 N  N4     . 5BT B 2 1 ? -2.719  -6.162  5.478   1.00 20.56 ? 1   5BT C N4     1 
HETATM 132 C  C5     . 5BT B 2 1 ? -0.315  -6.325  6.013   1.00 21.26 ? 1   5BT C C5     1 
HETATM 133 BR BR5    . 5BT B 2 1 ? -0.574  -6.122  7.864   0.80 28.77 ? 1   5BT C BR5    1 
HETATM 134 C  C6     . 5BT B 2 1 ? 0.966   -6.489  5.538   1.00 19.41 ? 1   5BT C C6     1 
HETATM 135 C  "C1'"  . 5BT B 2 1 ? 2.545   -6.829  3.689   1.00 18.38 ? 1   5BT C "C1'"  1 
HETATM 136 C  "C2'"  . 5BT B 2 1 ? 3.139   -5.613  3.004   1.00 19.19 ? 1   5BT C "C2'"  1 
HETATM 137 C  "C3'"  . 5BT B 2 1 ? 4.577   -5.610  3.470   1.00 20.36 ? 1   5BT C "C3'"  1 
HETATM 138 O  "O3'"  . 5BT B 2 1 ? 5.346   -6.339  2.520   1.00 19.52 ? 1   5BT C "O3'"  1 
HETATM 139 C  "C4'"  . 5BT B 2 1 ? 4.591   -6.398  4.773   1.00 18.57 ? 1   5BT C "C4'"  1 
HETATM 140 O  "O4'"  . 5BT B 2 1 ? 3.413   -7.203  4.761   1.00 18.18 ? 1   5BT C "O4'"  1 
HETATM 141 C  "C5'"  . 5BT B 2 1 ? 4.712   -5.553  6.036   1.00 17.08 ? 1   5BT C "C5'"  1 
HETATM 142 O  "O5'"  . 5BT B 2 1 ? 3.509   -4.863  6.338   1.00 27.99 ? 1   5BT C "O5'"  1 
HETATM 143 H  HN4    . 5BT B 2 1 ? -2.937  -6.041  6.455   1.00 19.42 ? 1   5BT C HN4    1 
HETATM 144 H  HN4A   . 5BT B 2 1 ? -3.465  -6.139  4.802   1.00 20.14 ? 1   5BT C HN4A   1 
HETATM 145 H  H6     . 5BT B 2 1 ? 1.766   -6.507  6.260   1.00 19.95 ? 1   5BT C H6     1 
HETATM 146 H  "H1'"  . 5BT B 2 1 ? 2.525   -7.652  2.963   1.00 18.12 ? 1   5BT C "H1'"  1 
HETATM 147 H  "H2'"  . 5BT B 2 1 ? 2.628   -4.699  3.310   1.00 19.49 ? 1   5BT C "H2'"  1 
HETATM 148 H  "H2'A" . 5BT B 2 1 ? 3.079   -5.711  1.918   1.00 18.90 ? 1   5BT C "H2'A" 1 
HETATM 149 H  "H3'"  . 5BT B 2 1 ? 4.950   -4.586  3.616   1.00 18.30 ? 1   5BT C "H3'"  1 
HETATM 150 H  "H4'"  . 5BT B 2 1 ? 5.446   -7.084  4.764   1.00 19.25 ? 1   5BT C "H4'"  1 
HETATM 151 H  "H5'"  . 5BT B 2 1 ? 4.973   -6.201  6.876   1.00 19.36 ? 1   5BT C "H5'"  1 
HETATM 152 H  "H5'A" . 5BT B 2 1 ? 5.520   -4.831  5.912   1.00 7.77  ? 1   5BT C "H5'A" 1 
HETATM 153 H  "HO5'" . 5BT B 2 1 ? 2.936   -4.581  5.607   1.00 24.72 ? 1   5BT C "HO5'" 1 
ATOM   154 P  P      . DG  B 2 2 ? 6.923   -6.129  2.404   1.00 19.97 ? 2   DG  C P      1 
ATOM   155 O  OP1    . DG  B 2 2 ? 7.460   -7.259  1.617   1.00 21.15 ? 2   DG  C OP1    1 
ATOM   156 O  OP2    . DG  B 2 2 ? 7.471   -5.827  3.753   1.00 21.87 ? 2   DG  C OP2    1 
ATOM   157 O  "O5'"  . DG  B 2 2 ? 7.049   -4.798  1.544   1.00 19.31 ? 2   DG  C "O5'"  1 
ATOM   158 C  "C5'"  . DG  B 2 2 ? 6.646   -4.785  0.168   1.00 16.74 ? 2   DG  C "C5'"  1 
ATOM   159 C  "C4'"  . DG  B 2 2 ? 6.536   -3.359  -0.317  1.00 16.12 ? 2   DG  C "C4'"  1 
ATOM   160 O  "O4'"  . DG  B 2 2 ? 5.394   -2.738  0.316   1.00 16.68 ? 2   DG  C "O4'"  1 
ATOM   161 C  "C3'"  . DG  B 2 2 ? 7.730   -2.464  0.014   1.00 16.79 ? 2   DG  C "C3'"  1 
ATOM   162 O  "O3'"  . DG  B 2 2 ? 7.887   -1.540  -1.057  1.00 19.27 ? 2   DG  C "O3'"  1 
ATOM   163 C  "C2'"  . DG  B 2 2 ? 7.265   -1.694  1.236   1.00 17.35 ? 2   DG  C "C2'"  1 
ATOM   164 C  "C1'"  . DG  B 2 2 ? 5.797   -1.509  0.904   1.00 15.39 ? 2   DG  C "C1'"  1 
ATOM   165 N  N9     . DG  B 2 2 ? 4.889   -1.229  2.010   1.00 14.96 ? 2   DG  C N9     1 
ATOM   166 C  C8     . DG  B 2 2 ? 5.127   -1.359  3.357   1.00 16.37 ? 2   DG  C C8     1 
ATOM   167 N  N7     . DG  B 2 2 ? 4.087   -1.064  4.090   1.00 17.23 ? 2   DG  C N7     1 
ATOM   168 C  C5     . DG  B 2 2 ? 3.110   -0.705  3.173   1.00 15.08 ? 2   DG  C C5     1 
ATOM   169 C  C6     . DG  B 2 2 ? 1.771   -0.281  3.374   1.00 15.47 ? 2   DG  C C6     1 
ATOM   170 O  O6     . DG  B 2 2 ? 1.165   -0.113  4.439   1.00 17.18 ? 2   DG  C O6     1 
ATOM   171 N  N1     . DG  B 2 2 ? 1.116   -0.068  2.165   1.00 14.67 ? 2   DG  C N1     1 
ATOM   172 C  C2     . DG  B 2 2 ? 1.683   -0.210  0.922   1.00 14.39 ? 2   DG  C C2     1 
ATOM   173 N  N2     . DG  B 2 2 ? 0.891   0.052   -0.126  1.00 13.29 ? 2   DG  C N2     1 
ATOM   174 N  N3     . DG  B 2 2 ? 2.936   -0.582  0.722   1.00 14.67 ? 2   DG  C N3     1 
ATOM   175 C  C4     . DG  B 2 2 ? 3.584   -0.818  1.883   1.00 14.29 ? 2   DG  C C4     1 
ATOM   176 H  "H5'"  . DG  B 2 2 ? 5.677   -5.276  0.067   1.00 17.18 ? 2   DG  C "H5'"  1 
ATOM   177 H  "H5''" . DG  B 2 2 ? 7.366   -5.343  -0.427  1.00 16.99 ? 2   DG  C "H5''" 1 
ATOM   178 H  "H4'"  . DG  B 2 2 ? 6.391   -3.374  -1.407  1.00 16.28 ? 2   DG  C "H4'"  1 
ATOM   179 H  "H3'"  . DG  B 2 2 ? 8.633   -3.055  0.228   1.00 18.10 ? 2   DG  C "H3'"  1 
ATOM   180 H  "H2'"  . DG  B 2 2 ? 7.429   -2.280  2.140   1.00 17.68 ? 2   DG  C "H2'"  1 
ATOM   181 H  "H2''" . DG  B 2 2 ? 7.778   -0.732  1.316   1.00 17.42 ? 2   DG  C "H2''" 1 
ATOM   182 H  "H1'"  . DG  B 2 2 ? 5.701   -0.714  0.155   1.00 16.04 ? 2   DG  C "H1'"  1 
ATOM   183 H  H8     . DG  B 2 2 ? 6.070   -1.653  3.784   1.00 17.11 ? 2   DG  C H8     1 
ATOM   184 H  H1     . DG  B 2 2 ? 0.132   0.252   2.225   1.00 14.86 ? 2   DG  C H1     1 
ATOM   185 H  H21    . DG  B 2 2 ? -0.060  0.360   0.004   1.00 13.47 ? 2   DG  C H21    1 
ATOM   186 H  H22    . DG  B 2 2 ? 1.260   -0.033  -1.063  1.00 13.31 ? 2   DG  C H22    1 
ATOM   187 P  P      . DG  B 2 3 ? 9.306   -1.247  -1.689  1.00 24.51 ? 3   DG  C P      1 
ATOM   188 O  OP1    . DG  B 2 3 ? 9.945   -2.527  -2.039  1.00 29.76 ? 3   DG  C OP1    1 
ATOM   189 O  OP2    . DG  B 2 3 ? 10.017  -0.301  -0.788  1.00 28.73 ? 3   DG  C OP2    1 
ATOM   190 O  "O5'"  . DG  B 2 3 ? 8.914   -0.471  -3.022  1.00 19.58 ? 3   DG  C "O5'"  1 
ATOM   191 C  "C5'"  . DG  B 2 3 ? 8.028   -1.071  -3.978  1.00 18.64 ? 3   DG  C "C5'"  1 
ATOM   192 C  "C4'"  . DG  B 2 3 ? 7.113   -0.024  -4.565  1.00 15.93 ? 3   DG  C "C4'"  1 
ATOM   193 O  "O4'"  . DG  B 2 3 ? 6.109   0.347   -3.594  1.00 15.24 ? 3   DG  C "O4'"  1 
ATOM   194 C  "C3'"  . DG  B 2 3 ? 7.800   1.272   -4.986  1.00 16.42 ? 3   DG  C "C3'"  1 
ATOM   195 O  "O3'"  . DG  B 2 3 ? 7.246   1.636   -6.251  1.00 16.91 ? 3   DG  C "O3'"  1 
ATOM   196 C  "C2'"  . DG  B 2 3 ? 7.509   2.223   -3.836  1.00 16.11 ? 3   DG  C "C2'"  1 
ATOM   197 C  "C1'"  . DG  B 2 3 ? 6.151   1.749   -3.343  1.00 14.56 ? 3   DG  C "C1'"  1 
ATOM   198 N  N9     . DG  B 2 3 ? 5.883   1.945   -1.923  1.00 14.48 ? 3   DG  C N9     1 
ATOM   199 C  C8     . DG  B 2 3 ? 6.748   1.731   -0.876  1.00 14.43 ? 3   DG  C C8     1 
ATOM   200 N  N7     . DG  B 2 3 ? 6.197   1.924   0.291   1.00 14.65 ? 3   DG  C N7     1 
ATOM   201 C  C5     . DG  B 2 3 ? 4.884   2.265   0.000   1.00 14.04 ? 3   DG  C C5     1 
ATOM   202 C  C6     . DG  B 2 3 ? 3.800   2.573   0.863   1.00 14.46 ? 3   DG  C C6     1 
ATOM   203 O  O6     . DG  B 2 3 ? 3.786   2.614   2.098   1.00 16.30 ? 3   DG  C O6     1 
ATOM   204 N  N1     . DG  B 2 3 ? 2.638   2.850   0.150   1.00 14.29 ? 3   DG  C N1     1 
ATOM   205 C  C2     . DG  B 2 3 ? 2.530   2.829   -1.220  1.00 14.44 ? 3   DG  C C2     1 
ATOM   206 N  N2     . DG  B 2 3 ? 1.321   3.122   -1.724  1.00 14.09 ? 3   DG  C N2     1 
ATOM   207 N  N3     . DG  B 2 3 ? 3.534   2.546   -2.036  1.00 14.70 ? 3   DG  C N3     1 
ATOM   208 C  C4     . DG  B 2 3 ? 4.669   2.264   -1.362  1.00 14.58 ? 3   DG  C C4     1 
ATOM   209 H  "H5'"  . DG  B 2 3 ? 7.425   -1.855  -3.519  1.00 18.49 ? 3   DG  C "H5'"  1 
ATOM   210 H  "H5''" . DG  B 2 3 ? 8.603   -1.531  -4.775  1.00 18.21 ? 3   DG  C "H5''" 1 
ATOM   211 H  "H4'"  . DG  B 2 3 ? 6.633   -0.466  -5.446  1.00 15.76 ? 3   DG  C "H4'"  1 
ATOM   212 H  "H3'"  . DG  B 2 3 ? 8.884   1.108   -5.071  1.00 15.97 ? 3   DG  C "H3'"  1 
ATOM   213 H  "H2'"  . DG  B 2 3 ? 8.285   2.135   -3.076  1.00 15.97 ? 3   DG  C "H2'"  1 
ATOM   214 H  "H2''" . DG  B 2 3 ? 7.463   3.256   -4.170  1.00 16.43 ? 3   DG  C "H2''" 1 
ATOM   215 H  "H1'"  . DG  B 2 3 ? 5.380   2.241   -3.947  1.00 15.17 ? 3   DG  C "H1'"  1 
ATOM   216 H  H8     . DG  B 2 3 ? 7.786   1.450   -0.998  1.00 14.01 ? 3   DG  C H8     1 
ATOM   217 H  H1     . DG  B 2 3 ? 1.799   3.097   0.707   1.00 13.95 ? 3   DG  C H1     1 
ATOM   218 H  H21    . DG  B 2 3 ? 0.547   3.352   -1.122  1.00 14.00 ? 3   DG  C H21    1 
ATOM   219 H  H22    . DG  B 2 3 ? 1.185   3.120   -2.726  1.00 14.34 ? 3   DG  C H22    1 
ATOM   220 P  P      . DC  B 2 4 ? 7.740   2.950   -7.007  1.00 18.94 ? 4   DC  C P      1 
ATOM   221 O  OP1    . DC  B 2 4 ? 7.547   2.720   -8.461  1.00 20.33 ? 4   DC  C OP1    1 
ATOM   222 O  OP2    . DC  B 2 4 ? 9.070   3.327   -6.476  1.00 18.68 ? 4   DC  C OP2    1 
ATOM   223 O  "O5'"  . DC  B 2 4 ? 6.703   4.057   -6.529  1.00 16.62 ? 4   DC  C "O5'"  1 
ATOM   224 C  "C5'"  . DC  B 2 4 ? 5.324   3.954   -6.906  1.00 16.61 ? 4   DC  C "C5'"  1 
ATOM   225 C  "C4'"  . DC  B 2 4 ? 4.495   4.921   -6.097  1.00 17.27 ? 4   DC  C "C4'"  1 
ATOM   226 O  "O4'"  . DC  B 2 4 ? 4.543   4.562   -4.710  1.00 17.75 ? 4   DC  C "O4'"  1 
ATOM   227 C  "C3'"  . DC  B 2 4 ? 4.977   6.365   -6.112  1.00 17.92 ? 4   DC  C "C3'"  1 
ATOM   228 O  "O3'"  . DC  B 2 4 ? 4.499   7.057   -7.263  1.00 21.20 ? 4   DC  C "O3'"  1 
ATOM   229 C  "C2'"  . DC  B 2 4 ? 4.405   6.922   -4.819  1.00 18.25 ? 4   DC  C "C2'"  1 
ATOM   230 C  "C1'"  . DC  B 2 4 ? 4.092   5.687   -3.976  1.00 18.32 ? 4   DC  C "C1'"  1 
ATOM   231 N  N1     . DC  B 2 4 ? 4.730   5.646   -2.652  1.00 17.14 ? 4   DC  C N1     1 
ATOM   232 C  C2     . DC  B 2 4 ? 3.942   5.885   -1.523  1.00 17.10 ? 4   DC  C C2     1 
ATOM   233 O  O2     . DC  B 2 4 ? 2.743   6.165   -1.676  1.00 18.16 ? 4   DC  C O2     1 
ATOM   234 N  N3     . DC  B 2 4 ? 4.506   5.815   -0.295  1.00 17.76 ? 4   DC  C N3     1 
ATOM   235 C  C4     . DC  B 2 4 ? 5.803   5.521   -0.172  1.00 17.04 ? 4   DC  C C4     1 
ATOM   236 N  N4     . DC  B 2 4 ? 6.317   5.457   1.057   1.00 19.04 ? 4   DC  C N4     1 
ATOM   237 C  C5     . DC  B 2 4 ? 6.631   5.277   -1.307  1.00 17.79 ? 4   DC  C C5     1 
ATOM   238 C  C6     . DC  B 2 4 ? 6.057   5.345   -2.517  1.00 17.44 ? 4   DC  C C6     1 
ATOM   239 H  "H5'"  . DC  B 2 4 ? 4.965   2.936   -6.739  1.00 16.91 ? 4   DC  C "H5'"  1 
ATOM   240 H  "H5''" . DC  B 2 4 ? 5.209   4.184   -7.964  1.00 17.07 ? 4   DC  C "H5''" 1 
ATOM   241 H  "H4'"  . DC  B 2 4 ? 3.458   4.893   -6.454  1.00 17.17 ? 4   DC  C "H4'"  1 
ATOM   242 H  "H3'"  . DC  B 2 4 ? 6.072   6.411   -6.069  1.00 18.00 ? 4   DC  C "H3'"  1 
ATOM   243 H  "HO3'" . DC  B 2 4 ? 4.689   8.020   -7.363  0.00 22.87 ? 4   DC  C "HO3'" 1 
ATOM   244 H  "H2'"  . DC  B 2 4 ? 5.136   7.554   -4.318  1.00 18.05 ? 4   DC  C "H2'"  1 
ATOM   245 H  "H2''" . DC  B 2 4 ? 3.498   7.498   -5.014  1.00 18.63 ? 4   DC  C "H2''" 1 
ATOM   246 H  "H1'"  . DC  B 2 4 ? 2.999   5.611   -3.901  1.00 17.82 ? 4   DC  C "H1'"  1 
ATOM   247 H  H41    . DC  B 2 4 ? 5.738   5.643   1.863   1.00 18.47 ? 4   DC  C H41    1 
ATOM   248 H  H42    . DC  B 2 4 ? 7.295   5.241   1.179   1.00 18.63 ? 4   DC  C H42    1 
ATOM   249 H  H5     . DC  B 2 4 ? 7.677   5.029   -1.195  1.00 17.32 ? 4   DC  C H5     1 
ATOM   250 H  H6     . DC  B 2 4 ? 6.657   5.151   -3.392  1.00 17.52 ? 4   DC  C H6     1 
HETATM 251 BA BA     . BA  C 3 . ? 5.609   5.629   5.892   0.50 63.11 ? 101 BA  A BA     1 
HETATM 252 RU RU     . RKP D 4 . ? -1.583  -3.320  -3.476  1.00 13.34 ? 101 RKP C RU     1 
HETATM 253 C  C1     . RKP D 4 . ? -0.579  -3.352  -0.842  1.00 13.84 ? 101 RKP C C1     1 
HETATM 254 N  N1     . RKP D 4 . ? -2.761  -3.344  -1.813  1.00 12.13 ? 101 RKP C N1     1 
HETATM 255 C  C2     . RKP D 4 . ? 1.294   -3.471  -2.281  1.00 13.52 ? 101 RKP C C2     1 
HETATM 256 N  N2     . RKP D 4 . ? -0.037  -3.363  -2.107  1.00 14.28 ? 101 RKP C N2     1 
HETATM 257 C  C3     . RKP D 4 . ? 2.140   -3.459  -1.162  1.00 14.03 ? 101 RKP C C3     1 
HETATM 258 N  N3     . RKP D 4 . ? 0.405   -3.210  2.722   1.00 18.89 ? 101 RKP C N3     1 
HETATM 259 C  C4     . RKP D 4 . ? 1.612   -3.396  0.126   1.00 13.32 ? 101 RKP C C4     1 
HETATM 260 N  N4     . RKP D 4 . ? -2.335  -3.131  2.966   1.00 18.25 ? 101 RKP C N4     1 
HETATM 261 C  C5     . RKP D 4 . ? 0.230   -3.331  0.314   1.00 15.04 ? 101 RKP C C5     1 
HETATM 262 N  N5     . RKP D 4 . ? -1.451  -1.273  -3.458  1.00 13.17 ? 101 RKP C N5     1 
HETATM 263 C  C6     . RKP D 4 . ? -0.361  -3.251  1.596   1.00 16.54 ? 101 RKP C C6     1 
HETATM 264 C  C7     . RKP D 4 . ? -1.774  -3.202  1.727   1.00 17.68 ? 101 RKP C C7     1 
HETATM 265 C  C8     . RKP D 4 . ? -2.590  -3.246  0.582   1.00 15.29 ? 101 RKP C C8     1 
HETATM 266 N  N8     . RKP D 4 . ? -0.376  -3.236  -5.150  1.00 11.89 ? 101 RKP C N8     1 
HETATM 267 C  C9     . RKP D 4 . ? -3.995  -3.213  0.657   1.00 15.96 ? 101 RKP C C9     1 
HETATM 268 N  N9     . RKP D 4 . ? -1.746  -5.366  -3.569  1.00 14.43 ? 101 RKP C N9     1 
HETATM 269 C  C10    . RKP D 4 . ? -1.994  -3.315  -0.693  1.00 14.15 ? 101 RKP C C10    1 
HETATM 270 C  C11    . RKP D 4 . ? -4.750  -3.245  -0.519  1.00 15.07 ? 101 RKP C C11    1 
HETATM 271 C  C12    . RKP D 4 . ? -4.105  -3.309  -1.760  1.00 14.39 ? 101 RKP C C12    1 
HETATM 272 N  N12    . RKP D 4 . ? -3.158  -3.343  -4.804  1.00 14.19 ? 101 RKP C N12    1 
HETATM 273 C  C13    . RKP D 4 . ? -1.557  -3.075  4.079   1.00 20.36 ? 101 RKP C C13    1 
HETATM 274 C  C14    . RKP D 4 . ? -2.129  -2.998  5.354   1.00 21.55 ? 101 RKP C C14    1 
HETATM 275 C  C15    . RKP D 4 . ? -0.165  -3.127  3.950   1.00 18.76 ? 101 RKP C C15    1 
HETATM 276 C  C16    . RKP D 4 . ? 0.644   -3.076  5.084   1.00 20.17 ? 101 RKP C C16    1 
HETATM 277 C  C17    . RKP D 4 . ? 0.071   -2.996  6.353   1.00 20.72 ? 101 RKP C C17    1 
HETATM 278 C  C18    . RKP D 4 . ? -1.316  -2.957  6.487   1.00 22.00 ? 101 RKP C C18    1 
HETATM 279 C  C19    . RKP D 4 . ? -0.817  -0.887  -4.606  1.00 13.10 ? 101 RKP C C19    1 
HETATM 280 C  C20    . RKP D 4 . ? -2.049  -0.367  -2.669  1.00 13.84 ? 101 RKP C C20    1 
HETATM 281 C  C21    . RKP D 4 . ? -1.916  1.005   -2.924  1.00 14.38 ? 101 RKP C C21    1 
HETATM 282 C  C22    . RKP D 4 . ? -0.665  0.484   -4.914  1.00 13.23 ? 101 RKP C C22    1 
HETATM 283 C  C23    . RKP D 4 . ? 0.039   0.882   -6.057  1.00 13.38 ? 101 RKP C C23    1 
HETATM 284 C  C24    . RKP D 4 . ? 0.609   -0.070  -6.900  1.00 13.66 ? 101 RKP C C24    1 
HETATM 285 C  C25    . RKP D 4 . ? 0.474   -1.444  -6.590  1.00 13.08 ? 101 RKP C C25    1 
HETATM 286 C  C26    . RKP D 4 . ? -0.233  -1.883  -5.448  1.00 13.24 ? 101 RKP C C26    1 
HETATM 287 C  C27    . RKP D 4 . ? 0.884   -3.764  -7.081  1.00 13.78 ? 101 RKP C C27    1 
HETATM 288 C  C28    . RKP D 4 . ? 0.165   -4.152  -5.942  1.00 12.72 ? 101 RKP C C28    1 
HETATM 289 C  C29    . RKP D 4 . ? -2.769  -5.679  -4.427  1.00 14.47 ? 101 RKP C C29    1 
HETATM 290 C  C30    . RKP D 4 . ? -0.979  -6.313  -3.029  1.00 14.69 ? 101 RKP C C30    1 
HETATM 291 C  C31    . RKP D 4 . ? -1.280  -7.666  -3.263  1.00 16.70 ? 101 RKP C C31    1 
HETATM 292 C  C32    . RKP D 4 . ? -3.103  -7.023  -4.689  1.00 16.10 ? 101 RKP C C32    1 
HETATM 293 C  C33    . RKP D 4 . ? -4.178  -7.345  -5.536  1.00 17.15 ? 101 RKP C C33    1 
HETATM 294 C  C34    . RKP D 4 . ? -4.940  -6.327  -6.128  1.00 17.04 ? 101 RKP C C34    1 
HETATM 295 C  C35    . RKP D 4 . ? -4.609  -4.980  -5.875  1.00 15.04 ? 101 RKP C C35    1 
HETATM 296 C  C36    . RKP D 4 . ? -3.530  -4.645  -5.028  1.00 14.16 ? 101 RKP C C36    1 
HETATM 297 C  C37    . RKP D 4 . ? -4.962  -2.615  -6.161  1.00 15.39 ? 101 RKP C C37    1 
HETATM 298 C  C38    . RKP D 4 . ? -3.886  -2.340  -5.306  1.00 14.76 ? 101 RKP C C38    1 
HETATM 299 C  C41    . RKP D 4 . ? -1.219  1.429   -4.057  1.00 13.93 ? 101 RKP C C41    1 
HETATM 300 C  C42    . RKP D 4 . ? 1.043   -2.414  -7.413  1.00 13.33 ? 101 RKP C C42    1 
HETATM 301 C  C43    . RKP D 4 . ? -2.343  -8.024  -4.090  1.00 16.96 ? 101 RKP C C43    1 
HETATM 302 C  C44    . RKP D 4 . ? -5.335  -3.933  -6.447  1.00 15.57 ? 101 RKP C C44    1 
HETATM 303 H  H2     . RKP D 4 . ? 1.710   -3.517  -3.279  1.00 13.43 ? 101 RKP C H2     1 
HETATM 304 H  H3     . RKP D 4 . ? 3.213   -3.465  -1.295  1.00 13.65 ? 101 RKP C H3     1 
HETATM 305 H  H4     . RKP D 4 . ? 2.289   -3.332  0.968   1.00 13.65 ? 101 RKP C H4     1 
HETATM 306 H  H9     . RKP D 4 . ? -4.499  -3.129  1.608   1.00 16.01 ? 101 RKP C H9     1 
HETATM 307 H  H11    . RKP D 4 . ? -5.832  -3.193  -0.471  1.00 15.05 ? 101 RKP C H11    1 
HETATM 308 H  H12    . RKP D 4 . ? -4.687  -3.323  -2.669  1.00 14.62 ? 101 RKP C H12    1 
HETATM 309 H  H14    . RKP D 4 . ? -3.207  -2.979  5.462   1.00 21.68 ? 101 RKP C H14    1 
HETATM 310 H  H16    . RKP D 4 . ? 1.716   -3.121  4.970   1.00 20.43 ? 101 RKP C H16    1 
HETATM 311 H  H17    . RKP D 4 . ? 0.702   -2.994  7.234   1.00 20.92 ? 101 RKP C H17    1 
HETATM 312 H  H18    . RKP D 4 . ? -1.764  -2.921  7.472   1.00 20.86 ? 101 RKP C H18    1 
HETATM 313 H  H20    . RKP D 4 . ? -2.608  -0.700  -1.815  1.00 13.69 ? 101 RKP C H20    1 
HETATM 314 H  H21    . RKP D 4 . ? -2.382  1.729   -2.266  1.00 14.21 ? 101 RKP C H21    1 
HETATM 315 H  H23    . RKP D 4 . ? 0.173   1.934   -6.267  1.00 14.44 ? 101 RKP C H23    1 
HETATM 316 H  H24    . RKP D 4 . ? 1.181   0.241   -7.765  1.00 13.23 ? 101 RKP C H24    1 
HETATM 317 H  H27    . RKP D 4 . ? 1.299   -4.514  -7.737  1.00 14.00 ? 101 RKP C H27    1 
HETATM 318 H  H28    . RKP D 4 . ? 0.026   -5.197  -5.713  1.00 13.57 ? 101 RKP C H28    1 
HETATM 319 H  H30    . RKP D 4 . ? -0.160  -6.042  -2.376  1.00 15.17 ? 101 RKP C H30    1 
HETATM 320 H  H31    . RKP D 4 . ? -0.691  -8.435  -2.786  1.00 17.55 ? 101 RKP C H31    1 
HETATM 321 H  H33    . RKP D 4 . ? -4.422  -8.382  -5.724  1.00 16.39 ? 101 RKP C H33    1 
HETATM 322 H  H34    . RKP D 4 . ? -5.764  -6.575  -6.786  1.00 16.76 ? 101 RKP C H34    1 
HETATM 323 H  H37    . RKP D 4 . ? -5.517  -1.795  -6.600  1.00 15.32 ? 101 RKP C H37    1 
HETATM 324 H  H38    . RKP D 4 . ? -3.616  -1.313  -5.102  1.00 15.08 ? 101 RKP C H38    1 
HETATM 325 H  H41    . RKP D 4 . ? -1.118  2.486   -4.272  1.00 14.19 ? 101 RKP C H41    1 
HETATM 326 H  H42    . RKP D 4 . ? 1.594   -2.128  -8.301  1.00 12.97 ? 101 RKP C H42    1 
HETATM 327 H  H43    . RKP D 4 . ? -2.572  -9.065  -4.266  1.00 13.46 ? 101 RKP C H43    1 
HETATM 328 H  H44    . RKP D 4 . ? -6.167  -4.134  -7.108  1.00 15.50 ? 101 RKP C H44    1 
HETATM 329 O  O      . HOH E 5 . ? -4.548  1.171   -4.933  1.00 24.32 ? 201 HOH A O      1 
HETATM 330 O  O      . HOH E 5 . ? 2.275   9.475   8.147   1.00 38.76 ? 202 HOH A O      1 
HETATM 331 O  O      . HOH E 5 . ? -2.004  4.747   -2.296  1.00 23.35 ? 203 HOH A O      1 
HETATM 332 O  O      . HOH E 5 . ? -4.757  3.312   5.508   1.00 37.06 ? 204 HOH A O      1 
HETATM 333 O  O      . HOH E 5 . ? -8.829  -6.222  3.310   1.00 38.13 ? 205 HOH A O      1 
HETATM 334 O  O      . HOH E 5 . ? -9.851  1.783   -3.142  1.00 43.60 ? 206 HOH A O      1 
HETATM 335 O  O      . HOH E 5 . ? -1.870  7.474   -0.398  1.00 24.26 ? 207 HOH A O      1 
HETATM 336 O  O      . HOH E 5 . ? -2.797  0.467   7.459   1.00 32.79 ? 208 HOH A O      1 
HETATM 337 O  O      . HOH E 5 . ? -8.050  2.082   -5.454  1.00 47.24 ? 209 HOH A O      1 
HETATM 338 O  O      . HOH E 5 . ? 1.530   3.026   6.664   1.00 28.14 ? 210 HOH A O      1 
HETATM 339 O  O      . HOH E 5 . ? -5.970  6.664   -2.930  1.00 45.37 ? 211 HOH A O      1 
HETATM 340 O  O      . HOH E 5 . ? -7.710  2.190   2.908   1.00 34.55 ? 212 HOH A O      1 
HETATM 341 O  O      . HOH E 5 . ? -9.086  4.510   -4.072  1.00 45.67 ? 213 HOH A O      1 
HETATM 342 O  O      . HOH E 5 . ? -5.723  10.684  4.592   1.00 26.29 ? 214 HOH A O      1 
HETATM 343 O  O      . HOH E 5 . ? -8.397  -1.376  -6.638  1.00 45.84 ? 215 HOH A O      1 
HETATM 344 O  O      . HOH E 5 . ? -0.233  9.489   -1.354  1.00 35.82 ? 216 HOH A O      1 
HETATM 345 O  O      . HOH E 5 . ? -8.332  -2.942  0.668   1.00 40.79 ? 217 HOH A O      1 
HETATM 346 O  O      . HOH E 5 . ? -6.134  -2.781  3.525   1.00 41.95 ? 218 HOH A O      1 
HETATM 347 O  O      . HOH E 5 . ? -4.802  10.733  8.381   1.00 44.75 ? 219 HOH A O      1 
HETATM 348 O  O      . HOH E 5 . ? -7.338  8.963   0.293   1.00 49.54 ? 220 HOH A O      1 
HETATM 349 O  O      . HOH E 5 . ? 5.038   8.846   6.891   1.00 31.52 ? 221 HOH A O      1 
HETATM 350 O  O      . HOH E 5 . ? -10.574 -4.797  -0.224  1.00 41.38 ? 222 HOH A O      1 
HETATM 351 O  O      . HOH E 5 . ? -6.462  4.440   -5.333  1.00 45.58 ? 223 HOH A O      1 
HETATM 352 O  O      . HOH E 5 . ? -3.951  3.805   -4.033  1.00 23.63 ? 224 HOH A O      1 
HETATM 353 O  O      . HOH E 5 . ? -0.334  -0.429  8.980   1.00 36.61 ? 225 HOH A O      1 
HETATM 354 O  O      . HOH E 5 . ? 0.268   6.088   9.697   1.00 46.43 ? 226 HOH A O      1 
HETATM 355 O  O      . HOH E 5 . ? -6.994  -9.404  -6.686  1.00 37.13 ? 227 HOH A O      1 
HETATM 356 O  O      . HOH E 5 . ? -12.412 4.511   -1.277  1.00 63.89 ? 228 HOH A O      1 
HETATM 357 O  O      . HOH E 5 . ? -0.926  3.783   8.221   1.00 41.94 ? 229 HOH A O      1 
HETATM 358 O  O      . HOH E 5 . ? -10.729 7.783   6.889   1.00 46.63 ? 230 HOH A O      1 
HETATM 359 O  O      . HOH E 5 . ? -7.207  7.165   -5.591  1.00 43.83 ? 231 HOH A O      1 
HETATM 360 O  O      . HOH E 5 . ? -10.873 2.800   -5.784  1.00 49.72 ? 232 HOH A O      1 
HETATM 361 O  O      . HOH E 5 . ? 0.273   -11.110 -3.673  1.00 24.98 ? 233 HOH A O      1 
HETATM 362 O  O      . HOH F 5 . ? 8.870   -4.648  -2.256  1.00 23.56 ? 201 HOH C O      1 
HETATM 363 O  O      . HOH F 5 . ? 11.081  2.111   -1.405  1.00 41.99 ? 202 HOH C O      1 
HETATM 364 O  O      . HOH F 5 . ? 2.867   -3.711  8.721   1.00 40.22 ? 203 HOH C O      1 
HETATM 365 O  O      . HOH F 5 . ? 1.828   0.202   7.061   1.00 27.47 ? 204 HOH C O      1 
HETATM 366 O  O      . HOH F 5 . ? 2.180   8.492   -7.300  1.00 39.16 ? 205 HOH C O      1 
HETATM 367 O  O      . HOH F 5 . ? 11.666  -4.690  -1.973  1.00 37.32 ? 206 HOH C O      1 
HETATM 368 O  O      . HOH F 5 . ? 6.058   4.123   -10.342 1.00 25.06 ? 207 HOH C O      1 
HETATM 369 O  O      . HOH F 5 . ? 7.686   -3.194  4.652   1.00 26.56 ? 208 HOH C O      1 
HETATM 370 O  O      . HOH F 5 . ? 6.201   -8.270  -0.658  1.00 19.98 ? 209 HOH C O      1 
HETATM 371 O  O      . HOH F 5 . ? 4.269   -1.563  6.851   1.00 31.53 ? 210 HOH C O      1 
HETATM 372 O  O      . HOH F 5 . ? -3.874  -5.847  8.039   1.00 39.64 ? 211 HOH C O      1 
HETATM 373 O  O      . HOH F 5 . ? 7.787   2.030   2.634   1.00 32.57 ? 212 HOH C O      1 
HETATM 374 O  O      . HOH F 5 . ? 10.120  -6.881  0.692   0.50 39.44 ? 213 HOH C O      1 
HETATM 375 O  O      . HOH F 5 . ? 2.516   1.965   -4.624  1.00 17.68 ? 214 HOH C O      1 
HETATM 376 O  O      . HOH F 5 . ? 1.196   -7.439  -0.561  1.00 19.93 ? 215 HOH C O      1 
HETATM 377 O  O      . HOH F 5 . ? 5.488   2.717   4.406   1.00 36.77 ? 216 HOH C O      1 
HETATM 378 O  O      . HOH F 5 . ? 4.226   -1.345  -2.164  1.00 14.76 ? 217 HOH C O      1 
HETATM 379 O  O      . HOH F 5 . ? 0.345   5.755   -3.278  1.00 34.35 ? 218 HOH C O      1 
HETATM 380 O  O      . HOH F 5 . ? 1.760   -0.368  -3.007  1.00 14.02 ? 219 HOH C O      1 
HETATM 381 O  O      . HOH F 5 . ? 12.929  -2.725  -0.522  1.00 48.00 ? 220 HOH C O      1 
HETATM 382 O  O      . HOH F 5 . ? 0.888   4.257   -5.222  1.00 29.42 ? 221 HOH C O      1 
HETATM 383 O  O      . HOH F 5 . ? 11.809  1.800   -4.344  1.00 44.64 ? 222 HOH C O      1 
HETATM 384 O  O      . HOH F 5 . ? -0.429  -7.277  -6.877  1.00 21.50 ? 223 HOH C O      1 
HETATM 385 O  O      . HOH F 5 . ? 11.340  -4.249  1.390   1.00 36.21 ? 224 HOH C O      1 
HETATM 386 O  O      . HOH F 5 . ? 3.293   4.237   -10.142 1.00 34.43 ? 225 HOH C O      1 
HETATM 387 O  O      . HOH F 5 . ? 10.160  -2.330  3.315   1.00 37.09 ? 226 HOH C O      1 
HETATM 388 O  O      . HOH F 5 . ? 2.202   -6.826  -7.706  1.00 26.67 ? 227 HOH C O      1 
HETATM 389 O  O      . HOH F 5 . ? 1.446   2.862   -8.455  1.00 43.39 ? 228 HOH C O      1 
HETATM 390 O  O      . HOH F 5 . ? 3.273   -9.557  -3.305  0.25 18.07 ? 229 HOH C O      1 
# 
loop_
_atom_site_anisotrop.id 
_atom_site_anisotrop.type_symbol 
_atom_site_anisotrop.pdbx_label_atom_id 
_atom_site_anisotrop.pdbx_label_alt_id 
_atom_site_anisotrop.pdbx_label_comp_id 
_atom_site_anisotrop.pdbx_label_asym_id 
_atom_site_anisotrop.pdbx_label_seq_id 
_atom_site_anisotrop.pdbx_PDB_ins_code 
_atom_site_anisotrop.U[1][1] 
_atom_site_anisotrop.U[2][2] 
_atom_site_anisotrop.U[3][3] 
_atom_site_anisotrop.U[1][2] 
_atom_site_anisotrop.U[1][3] 
_atom_site_anisotrop.U[2][3] 
_atom_site_anisotrop.pdbx_auth_seq_id 
_atom_site_anisotrop.pdbx_auth_comp_id 
_atom_site_anisotrop.pdbx_auth_asym_id 
_atom_site_anisotrop.pdbx_auth_atom_id 
1   O  "O5'"  . DG  A 1 ? 0.3680 0.3322 0.3246 -0.0776 -0.0068 0.0246  1   DG  A "O5'"  
2   C  "C5'"  . DG  A 1 ? 0.3750 0.2596 0.3085 -0.0353 0.0213  0.0094  1   DG  A "C5'"  
3   C  "C4'"  . DG  A 1 ? 0.3466 0.2197 0.3005 -0.0338 0.0387  0.0017  1   DG  A "C4'"  
4   O  "O4'"  . DG  A 1 ? 0.3711 0.1744 0.3088 -0.0416 0.0562  -0.0002 1   DG  A "O4'"  
5   C  "C3'"  . DG  A 1 ? 0.3393 0.2513 0.3091 -0.0511 0.0499  0.0024  1   DG  A "C3'"  
6   O  "O3'"  . DG  A 1 ? 0.3669 0.3126 0.2934 -0.0422 0.0397  -0.0306 1   DG  A "O3'"  
7   C  "C2'"  . DG  A 1 ? 0.3539 0.2469 0.3097 -0.0417 0.0485  0.0096  1   DG  A "C2'"  
8   C  "C1'"  . DG  A 1 ? 0.3497 0.1892 0.2939 -0.0472 0.0395  -0.0172 1   DG  A "C1'"  
9   N  N9     . DG  A 1 ? 0.3557 0.1436 0.2984 -0.0452 0.0313  0.0013  1   DG  A N9     
10  C  C8     . DG  A 1 ? 0.3420 0.1585 0.3115 -0.0266 0.0387  0.0158  1   DG  A C8     
11  N  N7     . DG  A 1 ? 0.3533 0.1626 0.3279 -0.0227 0.0378  -0.0106 1   DG  A N7     
12  C  C5     . DG  A 1 ? 0.3368 0.1005 0.3232 -0.0355 0.0371  -0.0215 1   DG  A C5     
13  C  C6     . DG  A 1 ? 0.3113 0.1331 0.3082 -0.0239 0.0176  -0.0145 1   DG  A C6     
14  O  O6     . DG  A 1 ? 0.3032 0.1337 0.3167 -0.0297 0.0370  -0.0393 1   DG  A O6     
15  N  N1     . DG  A 1 ? 0.2908 0.1327 0.2762 -0.0356 0.0423  -0.0205 1   DG  A N1     
16  C  C2     . DG  A 1 ? 0.3051 0.1233 0.2959 -0.0174 0.0207  -0.0215 1   DG  A C2     
17  N  N2     . DG  A 1 ? 0.2817 0.1642 0.2789 -0.0103 0.0462  -0.0250 1   DG  A N2     
18  N  N3     . DG  A 1 ? 0.3229 0.1456 0.3010 -0.0472 0.0387  -0.0225 1   DG  A N3     
19  C  C4     . DG  A 1 ? 0.3402 0.1135 0.3110 -0.0365 0.0321  -0.0129 1   DG  A C4     
20  H  "H5'"  . DG  A 1 ? 0.3613 0.2733 0.3130 -0.0388 0.0185  0.0084  1   DG  A "H5'"  
21  H  "H5''" . DG  A 1 ? 0.3576 0.2888 0.3271 -0.0216 0.0171  0.0013  1   DG  A "H5''" 
22  H  "H4'"  . DG  A 1 ? 0.3378 0.2461 0.3085 -0.0175 0.0361  -0.0057 1   DG  A "H4'"  
23  H  "H3'"  . DG  A 1 ? 0.3396 0.2604 0.3033 -0.0350 0.0464  -0.0013 1   DG  A "H3'"  
24  H  "H2'"  . DG  A 1 ? 0.3474 0.2812 0.3154 -0.0278 0.0401  0.0016  1   DG  A "H2'"  
25  H  "H2''" . DG  A 1 ? 0.3292 0.2715 0.2877 -0.0281 0.0221  0.0063  1   DG  A "H2''" 
26  H  "H1'"  . DG  A 1 ? 0.3281 0.1935 0.3069 -0.0415 0.0316  -0.0050 1   DG  A "H1'"  
27  H  H8     . DG  A 1 ? 0.3278 0.1687 0.3142 -0.0261 0.0399  0.0044  1   DG  A H8     
28  H  H1     . DG  A 1 ? 0.2847 0.1308 0.2780 -0.0264 0.0391  -0.0212 1   DG  A H1     
29  H  H21    . DG  A 1 ? 0.2779 0.1601 0.2708 -0.0100 0.0399  -0.0230 1   DG  A H21    
30  H  H22    . DG  A 1 ? 0.2926 0.1807 0.2653 -0.0085 0.0218  -0.0177 1   DG  A H22    
31  H  "HO5'" . DG  A 1 ? 0.3868 0.3103 0.3030 -0.0522 -0.0003 0.0060  1   DG  A "HO5'" 
32  P  P      . DC  A 2 ? 0.4068 0.4061 0.3401 -0.0895 0.0358  -0.0597 2   DC  A P      
33  O  OP1    . DC  A 2 ? 0.3818 0.4594 0.3111 -0.0798 0.0829  -0.0869 2   DC  A OP1    
34  O  OP2    . DC  A 2 ? 0.4730 0.4485 0.3332 -0.0734 0.0806  -0.0243 2   DC  A OP2    
35  O  "O5'"  . DC  A 2 ? 0.3387 0.2894 0.3087 -0.0714 0.0246  -0.0065 2   DC  A "O5'"  
36  C  "C5'"  . DC  A 2 ? 0.2985 0.2205 0.2968 -0.0235 0.0172  -0.0339 2   DC  A "C5'"  
37  C  "C4'"  . DC  A 2 ? 0.2692 0.1774 0.2741 -0.0094 0.0134  -0.0033 2   DC  A "C4'"  
38  O  "O4'"  . DC  A 2 ? 0.2683 0.1347 0.2838 -0.0143 0.0225  0.0153  2   DC  A "O4'"  
39  C  "C3'"  . DC  A 2 ? 0.2720 0.1661 0.2772 -0.0009 0.0155  -0.0182 2   DC  A "C3'"  
40  O  "O3'"  . DC  A 2 ? 0.3062 0.1561 0.2791 0.0159  0.0146  -0.0159 2   DC  A "O3'"  
41  C  "C2'"  . DC  A 2 ? 0.2511 0.1690 0.2416 -0.0035 0.0232  -0.0186 2   DC  A "C2'"  
42  C  "C1'"  . DC  A 2 ? 0.2481 0.1500 0.2489 -0.0118 0.0089  -0.0200 2   DC  A "C1'"  
43  N  N1     . DC  A 2 ? 0.2543 0.1521 0.2489 -0.0056 0.0134  -0.0028 2   DC  A N1     
44  C  C2     . DC  A 2 ? 0.2676 0.1122 0.2409 0.0013  0.0178  0.0078  2   DC  A C2     
45  O  O2     . DC  A 2 ? 0.2210 0.1447 0.2408 0.0178  0.0187  -0.0079 2   DC  A O2     
46  N  N3     . DC  A 2 ? 0.2532 0.1210 0.2369 0.0013  0.0298  -0.0029 2   DC  A N3     
47  C  C4     . DC  A 2 ? 0.2708 0.0921 0.2376 -0.0018 0.0124  -0.0160 2   DC  A C4     
48  N  N4     . DC  A 2 ? 0.2695 0.1458 0.2185 -0.0004 0.0112  -0.0187 2   DC  A N4     
49  C  C5     . DC  A 2 ? 0.2713 0.1506 0.2418 0.0034  0.0169  -0.0083 2   DC  A C5     
50  C  C6     . DC  A 2 ? 0.2677 0.1398 0.2475 -0.0080 0.0132  -0.0097 2   DC  A C6     
51  H  "H5'"  . DC  A 2 ? 0.2777 0.2431 0.2846 -0.0230 0.0023  -0.0071 2   DC  A "H5'"  
52  H  "H5''" . DC  A 2 ? 0.2961 0.2519 0.2898 -0.0196 0.0106  -0.0135 2   DC  A "H5''" 
53  H  "H4'"  . DC  A 2 ? 0.2716 0.2087 0.2638 -0.0038 0.0094  -0.0010 2   DC  A "H4'"  
54  H  "H3'"  . DC  A 2 ? 0.2776 0.1758 0.2735 -0.0010 0.0171  -0.0171 2   DC  A "H3'"  
55  H  "H2'"  . DC  A 2 ? 0.2553 0.1841 0.2430 0.0030  0.0168  -0.0150 2   DC  A "H2'"  
56  H  "H2''" . DC  A 2 ? 0.2333 0.1789 0.2347 -0.0009 -0.0015 -0.0153 2   DC  A "H2''" 
57  H  "H1'"  . DC  A 2 ? 0.2426 0.1510 0.2476 -0.0082 0.0152  -0.0096 2   DC  A "H1'"  
58  H  H41    . DC  A 2 ? 0.2631 0.1356 0.2203 -0.0018 0.0093  -0.0148 2   DC  A H41    
59  H  H42    . DC  A 2 ? 0.2436 0.1398 0.2208 0.0060  0.0062  -0.0144 2   DC  A H42    
60  H  H5     . DC  A 2 ? 0.2539 0.1396 0.2427 0.0022  0.0109  -0.0099 2   DC  A H5     
61  H  H6     . DC  A 2 ? 0.2686 0.1553 0.2402 -0.0088 0.0150  -0.0057 2   DC  A H6     
62  P  P      . DC  A 3 ? 0.3093 0.1884 0.3342 0.0262  -0.0048 -0.0243 3   DC  A P      
63  O  OP1    . DC  A 3 ? 0.3081 0.2258 0.3791 0.0355  -0.0390 0.0020  3   DC  A OP1    
64  O  OP2    . DC  A 3 ? 0.3099 0.2168 0.3708 0.0341  0.0254  -0.0578 3   DC  A OP2    
65  O  "O5'"  . DC  A 3 ? 0.2754 0.1733 0.3081 0.0084  0.0100  -0.0026 3   DC  A "O5'"  
66  C  "C5'"  . DC  A 3 ? 0.2518 0.1560 0.2814 0.0141  -0.0077 0.0158  3   DC  A "C5'"  
67  C  "C4'"  . DC  A 3 ? 0.2307 0.1492 0.2511 0.0078  0.0198  0.0030  3   DC  A "C4'"  
68  O  "O4'"  . DC  A 3 ? 0.2250 0.1368 0.2568 -0.0069 0.0235  0.0168  3   DC  A "O4'"  
69  C  "C3'"  . DC  A 3 ? 0.2286 0.1775 0.2689 -0.0077 0.0173  -0.0014 3   DC  A "C3'"  
70  O  "O3'"  . DC  A 3 ? 0.2274 0.1751 0.2913 -0.0164 0.0160  -0.0090 3   DC  A "O3'"  
71  C  "C2'"  . DC  A 3 ? 0.2423 0.1759 0.2664 0.0030  0.0165  -0.0038 3   DC  A "C2'"  
72  C  "C1'"  . DC  A 3 ? 0.2453 0.1518 0.2544 -0.0080 0.0237  0.0275  3   DC  A "C1'"  
73  N  N1     . DC  A 3 ? 0.2699 0.1452 0.2569 -0.0154 0.0203  0.0270  3   DC  A N1     
74  C  C2     . DC  A 3 ? 0.2610 0.1410 0.2458 -0.0278 -0.0005 0.0277  3   DC  A C2     
75  O  O2     . DC  A 3 ? 0.2345 0.1352 0.2553 -0.0248 0.0001  0.0228  3   DC  A O2     
76  N  N3     . DC  A 3 ? 0.2774 0.1271 0.2273 -0.0174 0.0084  0.0176  3   DC  A N3     
77  C  C4     . DC  A 3 ? 0.2836 0.1330 0.2380 -0.0279 0.0161  0.0102  3   DC  A C4     
78  N  N4     . DC  A 3 ? 0.2868 0.1700 0.2455 -0.0087 0.0120  -0.0087 3   DC  A N4     
79  C  C5     . DC  A 3 ? 0.2878 0.2061 0.2593 -0.0222 0.0245  0.0126  3   DC  A C5     
80  C  C6     . DC  A 3 ? 0.2779 0.1846 0.2572 -0.0139 0.0253  0.0389  3   DC  A C6     
81  H  "H5'"  . DC  A 3 ? 0.2375 0.1824 0.2687 0.0101  -0.0031 0.0082  3   DC  A "H5'"  
82  H  "H5''" . DC  A 3 ? 0.2423 0.1706 0.2751 0.0087  -0.0028 0.0055  3   DC  A "H5''" 
83  H  "H4'"  . DC  A 3 ? 0.2278 0.1625 0.2498 0.0008  0.0223  0.0047  3   DC  A "H4'"  
84  H  "H3'"  . DC  A 3 ? 0.2349 0.1826 0.2529 -0.0003 0.0115  0.0017  3   DC  A "H3'"  
85  H  "H2'"  . DC  A 3 ? 0.2405 0.1884 0.2597 0.0014  0.0261  -0.0008 3   DC  A "H2'"  
86  H  "H2''" . DC  A 3 ? 0.2395 0.1923 0.2632 -0.0123 0.0217  0.0066  3   DC  A "H2''" 
87  H  "H1'"  . DC  A 3 ? 0.2407 0.1734 0.2527 -0.0058 0.0190  0.0116  3   DC  A "H1'"  
88  H  H41    . DC  A 3 ? 0.2846 0.1632 0.2508 -0.0143 0.0099  0.0000  3   DC  A H41    
89  H  H42    . DC  A 3 ? 0.2723 0.1637 0.2493 -0.0135 0.0164  -0.0006 3   DC  A H42    
90  H  H5     . DC  A 3 ? 0.2854 0.1868 0.2561 -0.0203 0.0216  0.0183  3   DC  A H5     
91  H  H6     . DC  A 3 ? 0.2767 0.1911 0.2595 -0.0154 0.0192  0.0246  3   DC  A H6     
92  P  P      . DG  A 4 ? 0.2253 0.1928 0.3233 0.0084  -0.0005 -0.0042 4   DG  A P      
93  O  OP1    . DG  A 4 ? 0.2842 0.2367 0.3561 -0.0129 0.0280  0.0140  4   DG  A OP1    
94  O  OP2    . DG  A 4 ? 0.2360 0.1988 0.3616 0.0273  0.0169  -0.0355 4   DG  A OP2    
95  O  "O5'"  . DG  A 4 ? 0.2220 0.1782 0.3034 -0.0186 0.0139  0.0003  4   DG  A "O5'"  
96  C  "C5'"  . DG  A 4 ? 0.1919 0.1972 0.2939 -0.0032 0.0041  0.0243  4   DG  A "C5'"  
97  C  "C4'"  . DG  A 4 ? 0.1981 0.1893 0.2911 -0.0086 -0.0038 0.0247  4   DG  A "C4'"  
98  O  "O4'"  . DG  A 4 ? 0.1890 0.1646 0.2850 -0.0307 -0.0118 0.0224  4   DG  A "O4'"  
99  C  "C3'"  . DG  A 4 ? 0.2257 0.1983 0.3185 -0.0348 -0.0051 0.0035  4   DG  A "C3'"  
100 O  "O3'"  . DG  A 4 ? 0.2183 0.2419 0.3781 -0.0486 -0.0363 -0.0063 4   DG  A "O3'"  
101 C  "C2'"  . DG  A 4 ? 0.2334 0.1970 0.3088 -0.0318 -0.0047 0.0007  4   DG  A "C2'"  
102 C  "C1'"  . DG  A 4 ? 0.2215 0.1568 0.3080 -0.0291 0.0080  0.0182  4   DG  A "C1'"  
103 N  N9     . DG  A 4 ? 0.2482 0.1475 0.3110 -0.0250 0.0042  0.0322  4   DG  A N9     
104 C  C8     . DG  A 4 ? 0.2779 0.1771 0.3171 -0.0329 0.0258  0.0420  4   DG  A C8     
105 N  N7     . DG  A 4 ? 0.3008 0.1871 0.3227 -0.0137 0.0109  0.0399  4   DG  A N7     
106 C  C5     . DG  A 4 ? 0.2966 0.1387 0.2892 -0.0322 0.0002  0.0542  4   DG  A C5     
107 C  C6     . DG  A 4 ? 0.2967 0.1328 0.2851 -0.0279 0.0020  0.0559  4   DG  A C6     
108 O  O6     . DG  A 4 ? 0.3397 0.1729 0.2955 -0.0319 0.0405  0.0440  4   DG  A O6     
109 N  N1     . DG  A 4 ? 0.2890 0.1220 0.2593 -0.0395 -0.0081 0.0581  4   DG  A N1     
110 C  C2     . DG  A 4 ? 0.2709 0.1320 0.2610 -0.0165 -0.0081 0.0595  4   DG  A C2     
111 N  N2     . DG  A 4 ? 0.2587 0.1568 0.2354 -0.0275 -0.0197 0.0409  4   DG  A N2     
112 N  N3     . DG  A 4 ? 0.2648 0.1175 0.2595 -0.0446 -0.0044 0.0484  4   DG  A N3     
113 C  C4     . DG  A 4 ? 0.2663 0.1305 0.2894 -0.0429 -0.0018 0.0476  4   DG  A C4     
114 H  "H5'"  . DG  A 4 ? 0.1988 0.2057 0.2611 -0.0054 -0.0100 0.0158  4   DG  A "H5'"  
115 H  "H5''" . DG  A 4 ? 0.2272 0.2048 0.2921 -0.0112 0.0070  0.0166  4   DG  A "H5''" 
116 H  "H4'"  . DG  A 4 ? 0.2126 0.1945 0.2898 -0.0201 -0.0016 0.0191  4   DG  A "H4'"  
117 H  "H3'"  . DG  A 4 ? 0.2207 0.2062 0.3166 -0.0296 -0.0070 0.0074  4   DG  A "H3'"  
118 H  "HO3'" . DG  A 4 ? 0.2990 0.2990 0.2990 0.0000  0.0000  0.0000  4   DG  A "HO3'" 
119 H  "H2'"  . DG  A 4 ? 0.2294 0.2111 0.3030 -0.0288 0.0068  -0.0016 4   DG  A "H2'"  
120 H  "H2''" . DG  A 4 ? 0.2423 0.2007 0.3069 -0.0233 -0.0001 0.0038  4   DG  A "H2''" 
121 H  "H1'"  . DG  A 4 ? 0.2188 0.1728 0.2838 -0.0311 0.0120  0.0197  4   DG  A "H1'"  
122 H  H8     . DG  A 4 ? 0.2878 0.1956 0.2972 -0.0292 0.0095  0.0295  4   DG  A H8     
123 H  H1     . DG  A 4 ? 0.2839 0.1300 0.2642 -0.0323 -0.0097 0.0464  4   DG  A H1     
124 H  H21    . DG  A 4 ? 0.2499 0.1536 0.2402 -0.0207 -0.0189 0.0397  4   DG  A H21    
125 H  H22    . DG  A 4 ? 0.2336 0.1499 0.2478 -0.0201 -0.0039 0.0392  4   DG  A H22    
126 N  N1     . 5BT B 1 ? 0.2985 0.1141 0.2611 -0.0149 -0.0356 0.0068  1   5BT C N1     
127 C  C2     . 5BT B 1 ? 0.3075 0.1039 0.2422 0.0016  -0.0336 -0.0085 1   5BT C C2     
128 O  O2     . 5BT B 1 ? 0.3105 0.1221 0.2429 -0.0056 -0.0320 -0.0101 1   5BT C O2     
129 N  N3     . 5BT B 1 ? 0.3195 0.1099 0.2705 -0.0014 -0.0109 -0.0023 1   5BT C N3     
130 C  C4     . 5BT B 1 ? 0.3471 0.1245 0.2754 -0.0004 -0.0054 -0.0007 1   5BT C C4     
131 N  N4     . 5BT B 1 ? 0.3491 0.1746 0.2575 0.0121  -0.0053 0.0001  1   5BT C N4     
132 C  C5     . 5BT B 1 ? 0.3468 0.1313 0.3296 0.0109  -0.0247 0.0103  1   5BT C C5     
133 BR BR5    . 5BT B 1 ? 0.5847 0.1792 0.3289 0.0069  -0.0681 0.0012  1   5BT C BR5    
134 C  C6     . 5BT B 1 ? 0.3421 0.1300 0.2652 -0.0203 -0.0260 -0.0037 1   5BT C C6     
135 C  "C1'"  . 5BT B 1 ? 0.2912 0.1564 0.2507 -0.0237 -0.0347 0.0090  1   5BT C "C1'"  
136 C  "C2'"  . 5BT B 1 ? 0.3129 0.1450 0.2709 -0.0267 -0.0350 0.0089  1   5BT C "C2'"  
137 C  "C3'"  . 5BT B 1 ? 0.3054 0.1792 0.2889 -0.0462 -0.0255 0.0018  1   5BT C "C3'"  
138 O  "O3'"  . 5BT B 1 ? 0.3031 0.1816 0.2569 -0.0259 -0.0389 0.0309  1   5BT C "O3'"  
139 C  "C4'"  . 5BT B 1 ? 0.2709 0.1610 0.2737 -0.0444 -0.0180 -0.0109 1   5BT C "C4'"  
140 O  "O4'"  . 5BT B 1 ? 0.2844 0.1368 0.2694 -0.0387 -0.0531 -0.0010 1   5BT C "O4'"  
141 C  "C5'"  . 5BT B 1 ? 0.1738 0.1673 0.3078 -0.1398 0.0460  -0.0395 1   5BT C "C5'"  
142 O  "O5'"  . 5BT B 1 ? 0.2708 0.3657 0.4268 -0.0100 -0.0061 -0.1031 1   5BT C "O5'"  
143 H  HN4    . 5BT B 1 ? 0.3041 0.1668 0.2669 0.0095  0.0101  -0.0019 1   5BT C HN4    
144 H  HN4A   . 5BT B 1 ? 0.3316 0.1676 0.2658 0.0024  -0.0020 -0.0015 1   5BT C HN4A   
145 H  H6     . 5BT B 1 ? 0.3261 0.1479 0.2836 -0.0088 -0.0260 0.0008  1   5BT C H6     
146 H  "H1'"  . 5BT B 1 ? 0.2827 0.1609 0.2447 -0.0165 -0.0307 0.0089  1   5BT C "H1'"  
147 H  "H2'"  . 5BT B 1 ? 0.2896 0.1872 0.2637 -0.0192 -0.0123 -0.0129 1   5BT C "H2'"  
148 H  "H2'A" . 5BT B 1 ? 0.2787 0.1698 0.2694 -0.0203 -0.0130 0.0062  1   5BT C "H2'A" 
149 H  "H3'"  . 5BT B 1 ? 0.2665 0.1767 0.2518 -0.0351 -0.0198 -0.0035 1   5BT C "H3'"  
150 H  "H4'"  . 5BT B 1 ? 0.2537 0.1964 0.2812 -0.0438 -0.0213 -0.0091 1   5BT C "H4'"  
151 H  "H5'"  . 5BT B 1 ? 0.2067 0.2215 0.3072 -0.0630 0.0214  -0.0472 1   5BT C "H5'"  
152 H  "H5'A" . 5BT B 1 ? 0.0951 0.0605 0.1396 -0.0271 0.0537  -0.0346 1   5BT C "H5'A" 
153 H  "HO5'" . 5BT B 1 ? 0.3009 0.2652 0.3730 -0.0202 0.0403  -0.0312 1   5BT C "HO5'" 
154 P  P      . DG  B 2 ? 0.3003 0.1832 0.2752 -0.0090 -0.0728 0.0416  2   DG  C P      
155 O  OP1    . DG  B 2 ? 0.2784 0.1930 0.3321 0.0216  -0.0748 0.0392  2   DG  C OP1    
156 O  OP2    . DG  B 2 ? 0.3196 0.2196 0.2916 -0.0080 -0.0973 0.0356  2   DG  C OP2    
157 O  "O5'"  . DG  B 2 ? 0.3072 0.1601 0.2664 -0.0245 -0.0936 0.0250  2   DG  C "O5'"  
158 C  "C5'"  . DG  B 2 ? 0.2568 0.1450 0.2341 -0.0154 -0.0345 0.0304  2   DG  C "C5'"  
159 C  "C4'"  . DG  B 2 ? 0.2294 0.1412 0.2418 -0.0314 -0.0341 0.0280  2   DG  C "C4'"  
160 O  "O4'"  . DG  B 2 ? 0.2297 0.1556 0.2481 -0.0367 -0.0424 -0.0110 2   DG  C "O4'"  
161 C  "C3'"  . DG  B 2 ? 0.2240 0.1650 0.2490 -0.0344 -0.0390 0.0211  2   DG  C "C3'"  
162 O  "O3'"  . DG  B 2 ? 0.2764 0.1423 0.3134 -0.0142 -0.0564 0.0551  2   DG  C "O3'"  
163 C  "C2'"  . DG  B 2 ? 0.2132 0.1874 0.2583 -0.0184 -0.0408 0.0119  2   DG  C "C2'"  
164 C  "C1'"  . DG  B 2 ? 0.2083 0.1415 0.2347 -0.0202 -0.0338 -0.0052 2   DG  C "C1'"  
165 N  N9     . DG  B 2 ? 0.2252 0.1245 0.2186 -0.0284 -0.0336 -0.0073 2   DG  C N9     
166 C  C8     . DG  B 2 ? 0.2557 0.1437 0.2225 0.0008  -0.0420 -0.0082 2   DG  C C8     
167 N  N7     . DG  B 2 ? 0.2550 0.1662 0.2332 -0.0111 -0.0355 -0.0162 2   DG  C N7     
168 C  C5     . DG  B 2 ? 0.2415 0.1237 0.2077 -0.0339 -0.0224 -0.0126 2   DG  C C5     
169 C  C6     . DG  B 2 ? 0.2484 0.1378 0.2014 -0.0227 -0.0208 0.0034  2   DG  C C6     
170 O  O6     . DG  B 2 ? 0.3015 0.1485 0.2025 -0.0118 -0.0091 -0.0041 2   DG  C O6     
171 N  N1     . DG  B 2 ? 0.2203 0.1343 0.2027 -0.0218 -0.0195 -0.0028 2   DG  C N1     
172 C  C2     . DG  B 2 ? 0.2390 0.1074 0.2001 -0.0077 -0.0169 0.0029  2   DG  C C2     
173 N  N2     . DG  B 2 ? 0.1987 0.1175 0.1886 -0.0076 -0.0020 -0.0051 2   DG  C N2     
174 N  N3     . DG  B 2 ? 0.2328 0.1140 0.2105 -0.0191 -0.0206 0.0005  2   DG  C N3     
175 C  C4     . DG  B 2 ? 0.2304 0.1033 0.2092 -0.0208 -0.0236 -0.0083 2   DG  C C4     
176 H  "H5'"  . DG  B 2 ? 0.2575 0.1585 0.2364 -0.0193 -0.0327 0.0293  2   DG  C "H5'"  
177 H  "H5''" . DG  B 2 ? 0.2504 0.1678 0.2272 -0.0240 -0.0249 0.0271  2   DG  C "H5''" 
178 H  "H4'"  . DG  B 2 ? 0.2264 0.1525 0.2396 -0.0246 -0.0233 0.0216  2   DG  C "H4'"  
179 H  "H3'"  . DG  B 2 ? 0.2337 0.1888 0.2650 -0.0195 -0.0370 0.0273  2   DG  C "H3'"  
180 H  "H2'"  . DG  B 2 ? 0.2244 0.2001 0.2471 -0.0186 -0.0397 0.0076  2   DG  C "H2'"  
181 H  "H2''" . DG  B 2 ? 0.2202 0.1892 0.2524 -0.0215 -0.0337 0.0066  2   DG  C "H2''" 
182 H  "H1'"  . DG  B 2 ? 0.2143 0.1682 0.2271 -0.0217 -0.0343 0.0037  2   DG  C "H1'"  
183 H  H8     . DG  B 2 ? 0.2489 0.1659 0.2350 0.0000  -0.0379 -0.0012 2   DG  C H8     
184 H  H1     . DG  B 2 ? 0.2258 0.1352 0.2035 -0.0155 -0.0090 0.0004  2   DG  C H1     
185 H  H21    . DG  B 2 ? 0.2007 0.1239 0.1869 -0.0050 0.0018  -0.0022 2   DG  C H21    
186 H  H22    . DG  B 2 ? 0.1912 0.1202 0.1942 -0.0042 0.0040  -0.0038 2   DG  C H22    
187 P  P      . DG  B 3 ? 0.2870 0.2518 0.3924 0.0309  -0.0275 0.1070  3   DG  C P      
188 O  OP1    . DG  B 3 ? 0.3603 0.3491 0.4210 0.1015  0.0847  0.0864  3   DG  C OP1    
189 O  OP2    . DG  B 3 ? 0.2842 0.3937 0.4136 -0.0185 -0.1026 0.1114  3   DG  C OP2    
190 O  "O5'"  . DG  B 3 ? 0.2200 0.1933 0.3306 0.0049  0.0095  0.0617  3   DG  C "O5'"  
191 C  "C5'"  . DG  B 3 ? 0.2500 0.1695 0.2884 0.0098  0.0348  0.0284  3   DG  C "C5'"  
192 C  "C4'"  . DG  B 3 ? 0.2181 0.1486 0.2385 -0.0168 0.0088  -0.0014 3   DG  C "C4'"  
193 O  "O4'"  . DG  B 3 ? 0.2055 0.1155 0.2578 -0.0143 0.0152  0.0196  3   DG  C "O4'"  
194 C  "C3'"  . DG  B 3 ? 0.2098 0.1563 0.2578 -0.0148 0.0156  0.0065  3   DG  C "C3'"  
195 O  "O3'"  . DG  B 3 ? 0.2278 0.1516 0.2628 0.0054  0.0106  -0.0034 3   DG  C "O3'"  
196 C  "C2'"  . DG  B 3 ? 0.2025 0.1687 0.2408 -0.0062 0.0044  0.0094  3   DG  C "C2'"  
197 C  "C1'"  . DG  B 3 ? 0.2003 0.1164 0.2364 0.0105  0.0033  0.0136  3   DG  C "C1'"  
198 N  N9     . DG  B 3 ? 0.1954 0.1190 0.2355 -0.0014 -0.0109 -0.0017 3   DG  C N9     
199 C  C8     . DG  B 3 ? 0.1932 0.1232 0.2316 -0.0098 -0.0090 0.0052  3   DG  C C8     
200 N  N7     . DG  B 3 ? 0.2016 0.1172 0.2379 -0.0022 -0.0114 -0.0144 3   DG  C N7     
201 C  C5     . DG  B 3 ? 0.1908 0.0863 0.2562 -0.0168 -0.0032 -0.0112 3   DG  C C5     
202 C  C6     . DG  B 3 ? 0.2148 0.0896 0.2448 0.0012  -0.0041 -0.0239 3   DG  C C6     
203 O  O6     . DG  B 3 ? 0.2565 0.1211 0.2415 -0.0137 -0.0154 -0.0143 3   DG  C O6     
204 N  N1     . DG  B 3 ? 0.1915 0.1118 0.2393 0.0018  0.0161  -0.0124 3   DG  C N1     
205 C  C2     . DG  B 3 ? 0.2079 0.1004 0.2401 -0.0004 0.0048  -0.0135 3   DG  C C2     
206 N  N2     . DG  B 3 ? 0.1937 0.1203 0.2212 -0.0023 0.0213  -0.0063 3   DG  C N2     
207 N  N3     . DG  B 3 ? 0.1919 0.1216 0.2450 -0.0023 0.0039  -0.0044 3   DG  C N3     
208 C  C4     . DG  B 3 ? 0.1971 0.0999 0.2567 -0.0122 -0.0028 -0.0087 3   DG  C C4     
209 H  "H5'"  . DG  B 3 ? 0.2330 0.1914 0.2780 -0.0023 0.0281  0.0242  3   DG  C "H5'"  
210 H  "H5''" . DG  B 3 ? 0.2370 0.1764 0.2782 0.0038  0.0231  0.0223  3   DG  C "H5''" 
211 H  "H4'"  . DG  B 3 ? 0.2121 0.1471 0.2396 -0.0149 0.0047  0.0037  3   DG  C "H4'"  
212 H  "H3'"  . DG  B 3 ? 0.2122 0.1610 0.2334 -0.0080 0.0101  0.0058  3   DG  C "H3'"  
213 H  "H2'"  . DG  B 3 ? 0.2027 0.1627 0.2410 -0.0041 0.0041  0.0106  3   DG  C "H2'"  
214 H  "H2''" . DG  B 3 ? 0.2093 0.1689 0.2462 -0.0106 0.0091  0.0073  3   DG  C "H2''" 
215 H  "H1'"  . DG  B 3 ? 0.1918 0.1546 0.2300 0.0033  -0.0068 0.0091  3   DG  C "H1'"  
216 H  H8     . DG  B 3 ? 0.1978 0.1279 0.2064 -0.0060 -0.0016 0.0007  3   DG  C H8     
217 H  H1     . DG  B 3 ? 0.2030 0.1071 0.2196 -0.0008 0.0195  -0.0133 3   DG  C H1     
218 H  H21    . DG  B 3 ? 0.1978 0.1198 0.2140 -0.0028 0.0213  -0.0067 3   DG  C H21    
219 H  H22    . DG  B 3 ? 0.1999 0.1218 0.2231 -0.0027 0.0124  -0.0070 3   DG  C H22    
220 P  P      . DC  B 4 ? 0.2540 0.1516 0.3137 0.0175  0.0260  0.0126  4   DC  C P      
221 O  OP1    . DC  B 4 ? 0.2827 0.1743 0.3153 0.0280  0.0391  0.0029  4   DC  C OP1    
222 O  OP2    . DC  B 4 ? 0.2393 0.1487 0.3217 0.0103  0.0480  -0.0077 4   DC  C OP2    
223 O  "O5'"  . DC  B 4 ? 0.2250 0.1380 0.2684 -0.0030 0.0119  0.0078  4   DC  C "O5'"  
224 C  "C5'"  . DC  B 4 ? 0.2330 0.1527 0.2451 0.0097  -0.0061 -0.0066 4   DC  C "C5'"  
225 C  "C4'"  . DC  B 4 ? 0.2425 0.1517 0.2617 -0.0096 0.0103  -0.0212 4   DC  C "C4'"  
226 O  "O4'"  . DC  B 4 ? 0.2547 0.1481 0.2714 -0.0300 0.0369  -0.0089 4   DC  C "O4'"  
227 C  "C3'"  . DC  B 4 ? 0.2645 0.1500 0.2664 -0.0102 0.0080  -0.0124 4   DC  C "C3'"  
228 O  "O3'"  . DC  B 4 ? 0.3260 0.1748 0.3044 0.0146  -0.0090 0.0149  4   DC  C "O3'"  
229 C  "C2'"  . DC  B 4 ? 0.2665 0.1598 0.2670 -0.0022 0.0185  -0.0035 4   DC  C "C2'"  
230 C  "C1'"  . DC  B 4 ? 0.2631 0.1614 0.2714 -0.0106 0.0363  -0.0094 4   DC  C "C1'"  
231 N  N1     . DC  B 4 ? 0.2575 0.1160 0.2774 -0.0242 0.0364  -0.0029 4   DC  C N1     
232 C  C2     . DC  B 4 ? 0.2562 0.1019 0.2916 -0.0268 0.0444  -0.0218 4   DC  C C2     
233 O  O2     . DC  B 4 ? 0.2545 0.1674 0.2679 -0.0051 0.0743  -0.0128 4   DC  C O2     
234 N  N3     . DC  B 4 ? 0.2621 0.1277 0.2850 -0.0067 0.0479  -0.0306 4   DC  C N3     
235 C  C4     . DC  B 4 ? 0.2621 0.0911 0.2941 -0.0189 0.0154  -0.0401 4   DC  C C4     
236 N  N4     . DC  B 4 ? 0.2759 0.1499 0.2974 -0.0060 0.0159  -0.0422 4   DC  C N4     
237 C  C5     . DC  B 4 ? 0.2520 0.1228 0.3008 -0.0167 0.0199  -0.0275 4   DC  C C5     
238 C  C6     . DC  B 4 ? 0.2608 0.1104 0.2911 -0.0137 0.0303  -0.0009 4   DC  C C6     
239 H  "H5'"  . DC  B 4 ? 0.2229 0.1720 0.2473 -0.0091 0.0006  -0.0018 4   DC  C "H5'"  
240 H  "H5''" . DC  B 4 ? 0.2349 0.1695 0.2441 0.0026  0.0023  -0.0027 4   DC  C "H5''" 
241 H  "H4'"  . DC  B 4 ? 0.2467 0.1543 0.2510 -0.0092 0.0057  -0.0156 4   DC  C "H4'"  
242 H  "H3'"  . DC  B 4 ? 0.2649 0.1563 0.2626 -0.0053 0.0048  -0.0095 4   DC  C "H3'"  
243 H  "HO3'" . DC  B 4 ? 0.2896 0.2896 0.2896 0.0000  0.0000  0.0000  4   DC  C "HO3'" 
244 H  "H2'"  . DC  B 4 ? 0.2521 0.1822 0.2513 0.0059  0.0046  -0.0003 4   DC  C "H2'"  
245 H  "H2''" . DC  B 4 ? 0.2602 0.1942 0.2533 0.0005  0.0094  -0.0027 4   DC  C "H2''" 
246 H  "H1'"  . DC  B 4 ? 0.2625 0.1501 0.2642 -0.0176 0.0267  -0.0111 4   DC  C "H1'"  
247 H  H41    . DC  B 4 ? 0.2682 0.1413 0.2922 -0.0090 0.0139  -0.0335 4   DC  C H41    
248 H  H42    . DC  B 4 ? 0.2802 0.1531 0.2744 -0.0022 0.0061  -0.0293 4   DC  C H42    
249 H  H5     . DC  B 4 ? 0.2588 0.1306 0.2686 -0.0089 0.0103  -0.0160 4   DC  C H5     
250 H  H6     . DC  B 4 ? 0.2533 0.1225 0.2899 -0.0178 0.0271  -0.0052 4   DC  C H6     
251 BA BA     . BA  C . ? 1.0456 0.6866 0.6657 0.2410  -0.3073 -0.0095 101 BA  A BA     
252 RU RU     . RKP D . ? 0.1798 0.1274 0.1997 -0.0153 -0.0074 0.0146  101 RKP C RU     
253 C  C1     . RKP D . ? 0.2231 0.0870 0.2157 -0.0095 -0.0158 0.0122  101 RKP C C1     
254 N  N1     . RKP D . ? 0.1446 0.0949 0.2210 0.0083  -0.0011 -0.0525 101 RKP C N1     
255 C  C2     . RKP D . ? 0.1962 0.1316 0.1858 -0.0042 -0.0027 0.0149  101 RKP C C2     
256 N  N2     . RKP D . ? 0.1939 0.1297 0.2187 0.0008  -0.0175 0.0055  101 RKP C N2     
257 C  C3     . RKP D . ? 0.2041 0.1325 0.1965 -0.0013 -0.0100 0.0053  101 RKP C C3     
258 N  N3     . RKP D . ? 0.3565 0.1104 0.2509 -0.0177 -0.0487 0.0389  101 RKP C N3     
259 C  C4     . RKP D . ? 0.2309 0.0943 0.1808 -0.0112 -0.0281 0.0136  101 RKP C C4     
260 N  N4     . RKP D . ? 0.3395 0.0927 0.2613 -0.0001 -0.0060 0.0364  101 RKP C N4     
261 C  C5     . RKP D . ? 0.2358 0.1042 0.2314 -0.0226 -0.0245 0.0004  101 RKP C C5     
262 N  N5     . RKP D . ? 0.1622 0.1258 0.2124 -0.0015 -0.0186 0.0088  101 RKP C N5     
263 C  C6     . RKP D . ? 0.3008 0.1012 0.2263 -0.0139 -0.0202 0.0315  101 RKP C C6     
264 C  C7     . RKP D . ? 0.3027 0.1157 0.2531 0.0027  -0.0215 0.0150  101 RKP C C7     
265 C  C8     . RKP D . ? 0.2608 0.0918 0.2281 -0.0012 0.0046  0.0051  101 RKP C C8     
266 N  N8     . RKP D . ? 0.1547 0.1149 0.1822 0.0438  -0.0171 -0.0586 101 RKP C N8     
267 C  C9     . RKP D . ? 0.2616 0.1295 0.2152 -0.0058 0.0218  0.0040  101 RKP C C9     
268 N  N9     . RKP D . ? 0.1907 0.1304 0.2272 -0.0266 -0.0200 0.0186  101 RKP C N9     
269 C  C10    . RKP D . ? 0.2242 0.1003 0.2131 -0.0148 -0.0195 -0.0233 101 RKP C C10    
270 C  C11    . RKP D . ? 0.2220 0.1187 0.2317 -0.0049 0.0195  -0.0134 101 RKP C C11    
271 C  C12    . RKP D . ? 0.1465 0.1439 0.2562 0.0020  0.0270  -0.0094 101 RKP C C12    
272 N  N12    . RKP D . ? 0.1657 0.1599 0.2135 -0.0279 -0.0030 0.0132  101 RKP C N12    
273 C  C13    . RKP D . ? 0.3690 0.1251 0.2794 -0.0041 -0.0248 0.0417  101 RKP C C13    
274 C  C14    . RKP D . ? 0.3728 0.1556 0.2904 -0.0027 -0.0161 0.0493  101 RKP C C14    
275 C  C15    . RKP D . ? 0.3625 0.0908 0.2594 -0.0009 -0.0405 0.0494  101 RKP C C15    
276 C  C16    . RKP D . ? 0.3552 0.1568 0.2541 -0.0063 -0.0297 0.0369  101 RKP C C16    
277 C  C17    . RKP D . ? 0.3833 0.1522 0.2515 -0.0247 -0.0284 0.0086  101 RKP C C17    
278 C  C18    . RKP D . ? 0.3903 0.1824 0.2633 -0.0003 -0.0025 0.0139  101 RKP C C18    
279 C  C19    . RKP D . ? 0.1632 0.1232 0.2110 0.0013  -0.0190 0.0139  101 RKP C C19    
280 C  C20    . RKP D . ? 0.1676 0.1443 0.2138 -0.0110 0.0039  0.0051  101 RKP C C20    
281 C  C21    . RKP D . ? 0.1892 0.1423 0.2148 0.0005  0.0040  0.0074  101 RKP C C21    
282 C  C22    . RKP D . ? 0.1647 0.1366 0.2011 -0.0128 -0.0026 0.0311  101 RKP C C22    
283 C  C23    . RKP D . ? 0.1703 0.1372 0.2008 -0.0078 -0.0077 0.0440  101 RKP C C23    
284 C  C24    . RKP D . ? 0.1772 0.1544 0.1873 -0.0222 0.0020  0.0327  101 RKP C C24    
285 C  C25    . RKP D . ? 0.1756 0.1384 0.1829 0.0039  -0.0215 0.0167  101 RKP C C25    
286 C  C26    . RKP D . ? 0.1599 0.1486 0.1942 0.0044  -0.0146 0.0084  101 RKP C C26    
287 C  C27    . RKP D . ? 0.1904 0.1417 0.1914 0.0162  -0.0006 0.0103  101 RKP C C27    
288 C  C28    . RKP D . ? 0.1736 0.1648 0.1446 0.0654  0.0098  -0.0449 101 RKP C C28    
289 C  C29    . RKP D . ? 0.1982 0.1353 0.2161 -0.0402 -0.0105 0.0250  101 RKP C C29    
290 C  C30    . RKP D . ? 0.2134 0.1149 0.2299 -0.0247 -0.0220 0.0233  101 RKP C C30    
291 C  C31    . RKP D . ? 0.2473 0.1179 0.2692 -0.0337 -0.0051 0.0165  101 RKP C C31    
292 C  C32    . RKP D . ? 0.2283 0.1432 0.2401 -0.0406 -0.0082 0.0034  101 RKP C C32    
293 C  C33    . RKP D . ? 0.2253 0.1719 0.2544 -0.0466 -0.0080 0.0039  101 RKP C C33    
294 C  C34    . RKP D . ? 0.2048 0.1967 0.2455 -0.0328 -0.0097 -0.0043 101 RKP C C34    
295 C  C35    . RKP D . ? 0.1662 0.1854 0.2196 -0.0292 -0.0146 0.0162  101 RKP C C35    
296 C  C36    . RKP D . ? 0.1612 0.1648 0.2120 -0.0286 -0.0115 0.0148  101 RKP C C36    
297 C  C37    . RKP D . ? 0.1653 0.2014 0.2178 -0.0161 -0.0069 0.0273  101 RKP C C37    
298 C  C38    . RKP D . ? 0.1602 0.1879 0.2126 -0.0117 -0.0017 0.0224  101 RKP C C38    
299 C  C41    . RKP D . ? 0.1711 0.1543 0.2038 -0.0095 -0.0153 0.0144  101 RKP C C41    
300 C  C42    . RKP D . ? 0.1883 0.1536 0.1643 0.0055  0.0014  0.0279  101 RKP C C42    
301 C  C43    . RKP D . ? 0.2572 0.1001 0.2869 -0.0481 0.0025  0.0100  101 RKP C C43    
302 C  C44    . RKP D . ? 0.1584 0.2057 0.2274 -0.0167 -0.0075 0.0208  101 RKP C C44    
303 H  H2     . RKP D . ? 0.1868 0.1320 0.1913 -0.0001 0.0020  0.0088  101 RKP C H2     
304 H  H3     . RKP D . ? 0.2053 0.1250 0.1883 -0.0035 -0.0056 0.0092  101 RKP C H3     
305 H  H4     . RKP D . ? 0.2165 0.1111 0.1910 -0.0080 -0.0282 0.0110  101 RKP C H4     
306 H  H9     . RKP D . ? 0.2537 0.1296 0.2251 -0.0041 0.0286  -0.0020 101 RKP C H9     
307 H  H11    . RKP D . ? 0.2217 0.1291 0.2209 -0.0049 0.0151  -0.0101 101 RKP C H11    
308 H  H12    . RKP D . ? 0.1686 0.1337 0.2532 -0.0001 0.0215  -0.0164 101 RKP C H12    
309 H  H14    . RKP D . ? 0.3725 0.1569 0.2941 -0.0019 -0.0087 0.0391  101 RKP C H14    
310 H  H16    . RKP D . ? 0.3559 0.1479 0.2724 -0.0068 -0.0178 0.0323  101 RKP C H16    
311 H  H17    . RKP D . ? 0.3530 0.1727 0.2688 -0.0105 -0.0307 0.0164  101 RKP C H17    
312 H  H18    . RKP D . ? 0.3444 0.1696 0.2784 0.0023  0.0066  0.0137  101 RKP C H18    
313 H  H20    . RKP D . ? 0.1713 0.1405 0.2083 -0.0067 0.0046  0.0009  101 RKP C H20    
314 H  H21    . RKP D . ? 0.1775 0.1555 0.2067 -0.0017 0.0029  0.0037  101 RKP C H21    
315 H  H23    . RKP D . ? 0.1828 0.1394 0.2262 -0.0277 0.0022  0.0346  101 RKP C H23    
316 H  H24    . RKP D . ? 0.1725 0.1397 0.1903 -0.0025 -0.0142 0.0299  101 RKP C H24    
317 H  H27    . RKP D . ? 0.1894 0.1607 0.1816 0.0162  0.0058  0.0077  101 RKP C H27    
318 H  H28    . RKP D . ? 0.1761 0.1701 0.1693 0.0486  -0.0025 -0.0339 101 RKP C H28    
319 H  H30    . RKP D . ? 0.2124 0.1266 0.2371 -0.0237 -0.0230 0.0194  101 RKP C H30    
320 H  H31    . RKP D . ? 0.2286 0.1834 0.2546 -0.0151 -0.0212 0.0183  101 RKP C H31    
321 H  H33    . RKP D . ? 0.2119 0.1688 0.2418 -0.0385 -0.0184 0.0071  101 RKP C H33    
322 H  H34    . RKP D . ? 0.2005 0.1925 0.2437 -0.0294 -0.0087 0.0066  101 RKP C H34    
323 H  H37    . RKP D . ? 0.1631 0.2002 0.2187 -0.0142 -0.0051 0.0242  101 RKP C H37    
324 H  H38    . RKP D . ? 0.1669 0.1913 0.2147 -0.0159 -0.0027 0.0195  101 RKP C H38    
325 H  H41    . RKP D . ? 0.1746 0.1569 0.2077 -0.0183 -0.0054 0.0108  101 RKP C H41    
326 H  H42    . RKP D . ? 0.1781 0.1499 0.1648 0.0085  0.0040  0.0191  101 RKP C H42    
327 H  H43    . RKP D . ? 0.1941 0.1058 0.2112 -0.0055 -0.0764 -0.0251 101 RKP C H43    
328 H  H44    . RKP D . ? 0.1624 0.2026 0.2239 -0.0149 -0.0086 0.0244  101 RKP C H44    
329 O  O      . HOH E . ? 0.2534 0.4102 0.2602 -0.1167 0.0637  0.0411  201 HOH A O      
330 O  O      . HOH E . ? 0.5574 0.5608 0.3542 -0.0051 -0.1439 0.0569  202 HOH A O      
331 O  O      . HOH E . ? 0.3090 0.2948 0.2832 0.0691  0.0424  0.0903  203 HOH A O      
332 O  O      . HOH E . ? 0.5837 0.4942 0.3301 0.1834  0.1499  -0.0358 204 HOH A O      
333 O  O      . HOH E . ? 0.4484 0.5321 0.4682 -0.1145 0.1735  -0.0051 205 HOH A O      
334 O  O      . HOH E . ? 0.4656 0.4306 0.7600 0.1812  -0.0050 -0.0307 206 HOH A O      
335 O  O      . HOH E . ? 0.3052 0.2434 0.3730 -0.0230 0.0207  -0.0198 207 HOH A O      
336 O  O      . HOH E . ? 0.6459 0.2910 0.3089 0.0028  0.0299  -0.0075 208 HOH A O      
337 O  O      . HOH E . ? 0.4332 0.6069 0.7544 0.0994  0.0133  0.0608  209 HOH A O      
338 O  O      . HOH E . ? 0.5843 0.2421 0.2428 -0.0589 -0.0388 -0.0282 210 HOH A O      
339 O  O      . HOH E . ? 0.4987 0.6650 0.5601 0.0700  -0.0678 0.1630  211 HOH A O      
340 O  O      . HOH E . ? 0.3661 0.4805 0.4660 0.0251  0.1477  0.0062  212 HOH A O      
341 O  O      . HOH E . ? 0.5677 0.5778 0.5894 0.0930  0.0006  -0.0622 213 HOH A O      
342 O  O      . HOH E . ? 0.2927 0.2522 0.4538 -0.0378 0.0325  -0.0848 214 HOH A O      
343 O  O      . HOH E . ? 0.4890 0.6941 0.5586 0.0551  -0.0142 0.0508  215 HOH A O      
344 O  O      . HOH E . ? 0.4199 0.3713 0.5699 0.0003  0.0842  -0.0647 216 HOH A O      
345 O  O      . HOH E . ? 0.5061 0.5109 0.5328 -0.1469 0.1921  -0.0136 217 HOH A O      
346 O  O      . HOH E . ? 0.6639 0.4505 0.4792 -0.0892 0.2326  -0.0371 218 HOH A O      
347 O  O      . HOH E . ? 0.6827 0.3942 0.6231 0.0460  0.2320  -0.0116 219 HOH A O      
348 O  O      . HOH E . ? 0.6777 0.5113 0.6930 0.0006  -0.2646 0.0907  220 HOH A O      
349 O  O      . HOH E . ? 0.4446 0.3814 0.3715 0.0010  -0.0520 0.0153  221 HOH A O      
350 O  O      . HOH E . ? 0.3626 0.7313 0.4782 0.0496  0.2040  -0.0136 222 HOH A O      
351 O  O      . HOH E . ? 0.3384 0.7399 0.6534 0.1847  0.0950  0.2207  223 HOH A O      
352 O  O      . HOH E . ? 0.2180 0.3730 0.3068 0.0289  0.0992  0.1182  224 HOH A O      
353 O  O      . HOH E . ? 0.7463 0.2820 0.3625 -0.0303 -0.0254 -0.0380 225 HOH A O      
354 O  O      . HOH E . ? 0.8063 0.3658 0.5919 0.0215  0.0431  0.0639  226 HOH A O      
355 O  O      . HOH E . ? 0.3813 0.3699 0.6593 -0.1156 -0.1827 0.0735  227 HOH A O      
356 O  O      . HOH E . ? 0.5807 0.6084 1.2384 0.4094  -0.2198 -0.2306 228 HOH A O      
357 O  O      . HOH E . ? 0.6771 0.5238 0.3925 0.0596  0.0751  0.0208  229 HOH A O      
358 O  O      . HOH E . ? 0.7399 0.6759 0.3558 0.1287  0.1222  0.0793  230 HOH A O      
359 O  O      . HOH E . ? 0.3645 0.7710 0.5300 0.3213  0.1643  0.2318  231 HOH A O      
360 O  O      . HOH E . ? 0.6159 0.6784 0.5947 0.1733  0.1368  0.0603  232 HOH A O      
361 O  O      . HOH E . ? 0.4091 0.2295 0.3104 0.0647  -0.0449 0.0394  233 HOH A O      
362 O  O      . HOH F . ? 0.2642 0.2447 0.3859 0.0292  -0.0037 -0.0098 201 HOH C O      
363 O  O      . HOH F . ? 0.6219 0.3527 0.6207 0.0180  -0.0453 0.0630  202 HOH C O      
364 O  O      . HOH F . ? 0.6516 0.3973 0.4790 0.0822  -0.0825 -0.0949 203 HOH C O      
365 O  O      . HOH F . ? 0.5728 0.2450 0.2259 0.0106  -0.0755 0.0042  204 HOH C O      
366 O  O      . HOH F . ? 0.4278 0.4885 0.5716 0.0992  -0.0371 0.0596  205 HOH C O      
367 O  O      . HOH F . ? 0.5647 0.4261 0.4272 0.0274  -0.1249 0.1149  206 HOH C O      
368 O  O      . HOH F . ? 0.3317 0.2560 0.3643 0.0275  0.0681  0.0530  207 HOH C O      
369 O  O      . HOH F . ? 0.3959 0.2684 0.3448 -0.0271 -0.1498 0.0173  208 HOH C O      
370 O  O      . HOH F . ? 0.2848 0.1434 0.3308 0.0171  -0.0339 0.0361  209 HOH C O      
371 O  O      . HOH F . ? 0.4638 0.4495 0.2845 -0.0139 -0.0273 -0.0303 210 HOH C O      
372 O  O      . HOH F . ? 0.6860 0.5513 0.2685 -0.0701 0.1069  0.0312  211 HOH C O      
373 O  O      . HOH F . ? 0.5213 0.3415 0.3748 -0.0550 -0.1573 -0.0202 212 HOH C O      
374 O  O      . HOH F . ? 0.4900 0.3875 0.6210 -0.1088 -0.0157 -0.0814 213 HOH C O      
375 O  O      . HOH F . ? 0.2266 0.1811 0.2639 -0.0343 -0.0110 0.0348  214 HOH C O      
376 O  O      . HOH F . ? 0.2417 0.2008 0.3146 0.0126  -0.0630 0.0360  215 HOH C O      
377 O  O      . HOH F . ? 0.5013 0.4236 0.4721 -0.0606 -0.1787 -0.0202 216 HOH C O      
378 O  O      . HOH F . ? 0.1857 0.1395 0.2354 -0.0164 -0.0285 0.0135  217 HOH C O      
379 O  O      . HOH F . ? 0.3442 0.5007 0.4599 0.0530  0.0695  0.1379  218 HOH C O      
380 O  O      . HOH F . ? 0.1771 0.1554 0.2002 0.0092  0.0039  0.0017  219 HOH C O      
381 O  O      . HOH F . ? 0.7358 0.4489 0.6391 -0.1111 -0.2948 0.1071  220 HOH C O      
382 O  O      . HOH F . ? 0.2995 0.2017 0.6166 -0.0657 0.0041  0.0521  221 HOH C O      
383 O  O      . HOH F . ? 0.5179 0.5074 0.6708 -0.0357 0.0892  -0.0978 222 HOH C O      
384 O  O      . HOH F . ? 0.3192 0.1740 0.3237 -0.0204 0.0181  0.0729  223 HOH C O      
385 O  O      . HOH F . ? 0.5078 0.3655 0.5023 -0.0960 -0.0193 -0.0726 224 HOH C O      
386 O  O      . HOH F . ? 0.3147 0.3203 0.6732 0.0550  0.0248  0.1347  225 HOH C O      
387 O  O      . HOH F . ? 0.4315 0.4770 0.5008 -0.0711 -0.2038 0.0642  226 HOH C O      
388 O  O      . HOH F . ? 0.3872 0.2058 0.4202 0.0148  0.0568  -0.0551 227 HOH C O      
389 O  O      . HOH F . ? 0.3081 0.4642 0.8762 0.1428  0.0204  0.1835  228 HOH C O      
390 O  O      . HOH F . ? 0.2320 0.3287 0.1258 -0.0036 0.0022  0.0285  229 HOH C O      
# 
